data_2P6R
#
_entry.id   2P6R
#
_cell.length_a   138.379
_cell.length_b   138.379
_cell.length_c   252.973
_cell.angle_alpha   90.000
_cell.angle_beta   90.000
_cell.angle_gamma   120.000
#
_symmetry.space_group_name_H-M   'P 61 2 2'
#
loop_
_entity.id
_entity.type
_entity.pdbx_description
1 polymer 25-MER
2 polymer "5'-D(*CP*TP*AP*GP*AP*GP*AP*CP*TP*AP*TP*CP*GP*AP*T)-3'"
3 polymer 'afUHEL308 HELICASE'
#
loop_
_entity_poly.entity_id
_entity_poly.type
_entity_poly.pdbx_seq_one_letter_code
_entity_poly.pdbx_strand_id
1 'polydeoxyribonucleotide'
;(DA)(DT)(DC)(DG)(DA)(DT)(DA)(DG)(DT)(DC)(DT)(DC)(DT)(DA)(DG)(DA)(DC)(DA)(DG)(DC)
(DA)(DT)(DG)(DT)(DC)
;
X
2 'polydeoxyribonucleotide' (DC)(DT)(DA)(DG)(DA)(DG)(DA)(DC)(DT)(DA)(DT)(DC)(DG)(DA)(DT) Y
3 'polypeptide(L)'
;MKVEELAESISSYAVGILKEEGIEELFPPQAEAVEKVFSGKNLLLAMPTAAGKTLLAEMAMVREAIKGGKSLYVVPLRAL
AGEKYESFKKWEKIGLRIGISTGDYESRDEHLGDCDIIVTTSEKADSLIRNRASWIKAVSCLVVDEIHLLDSEKRGATLE
ILVTKMRRMNKALRVIGLSATAPNVTEIAEWLDADYYVSDWRPVPLVEGVLCEGTLELFDGAFSTSRRVKFEELVEECVA
ENGGVLVFESTRRGAEKTAVKLSAITAKYVENEGLEKAILEENEGEMSRKLAECVRKGAAFHHAGLLNGQRRVVEDAFRR
GNIKVVVATPTLAAGVNLPARRVIVRSLYRFDGYSKRIKVSEYKQMAGRAGRPGMDERGEAIIIVGKRDREIAVKRYIFG
EPERITSKLGVETHLRFHSLSIICDGYAKTLEELEDFFADTFFFKQNEISLSYELERVVRQLENWGMVVEAAHLAPTKLG
SLVSRLYIDPLTGFIFHDVLSRMELSDIGALHLICRTPDMERLTVRKTDSWVEEEAFRLRKELSYYPSDFSVEYDWFLSE
VKTALCLKDWIEEKDEDEICAKYGIAPGDLRRIVETAEWLSNAMNRIAEEVGNTSVSGLTERIKHGVKEELLELVRIRHI
GRVRARKLYNAGIRNAEDIVRHREKVASLIGRGIAERVVEGISVKSLNPESAAALEHHHHHH
;
A
#
# COMPACT_ATOMS: atom_id res chain seq x y z
N MET C 1 42.33 9.93 6.45
CA MET C 1 41.16 9.22 5.90
C MET C 1 40.73 8.06 6.80
N LYS C 2 39.59 8.22 7.46
CA LYS C 2 39.07 7.18 8.35
C LYS C 2 37.95 6.41 7.67
N VAL C 3 36.90 7.12 7.25
CA VAL C 3 35.73 6.53 6.57
C VAL C 3 34.90 7.61 5.86
N GLU C 4 34.94 8.83 6.39
CA GLU C 4 34.19 9.96 5.85
C GLU C 4 34.58 10.31 4.42
N GLU C 5 35.87 10.53 4.19
CA GLU C 5 36.37 10.87 2.87
C GLU C 5 36.14 9.74 1.88
N LEU C 6 36.37 8.51 2.34
CA LEU C 6 36.19 7.33 1.51
C LEU C 6 34.76 7.28 0.96
N ALA C 7 33.79 7.34 1.86
CA ALA C 7 32.38 7.29 1.51
C ALA C 7 32.03 8.39 0.52
N GLU C 8 32.54 9.58 0.77
CA GLU C 8 32.28 10.72 -0.10
C GLU C 8 32.83 10.53 -1.50
N SER C 9 34.03 9.96 -1.59
CA SER C 9 34.63 9.73 -2.90
C SER C 9 33.85 8.63 -3.61
N ILE C 10 33.59 7.54 -2.90
CA ILE C 10 32.83 6.44 -3.49
C ILE C 10 31.50 6.98 -3.99
N SER C 11 30.83 7.77 -3.13
CA SER C 11 29.54 8.36 -3.50
C SER C 11 29.74 9.24 -4.70
N SER C 12 30.88 9.93 -4.75
CA SER C 12 31.19 10.83 -5.86
C SER C 12 31.41 10.03 -7.14
N TYR C 13 32.31 9.06 -7.09
CA TYR C 13 32.56 8.26 -8.26
C TYR C 13 31.25 7.65 -8.79
N ALA C 14 30.37 7.22 -7.89
CA ALA C 14 29.09 6.63 -8.27
C ALA C 14 28.17 7.65 -8.92
N VAL C 15 28.08 8.84 -8.34
CA VAL C 15 27.25 9.90 -8.88
C VAL C 15 27.63 10.16 -10.33
N GLY C 16 28.90 9.94 -10.65
CA GLY C 16 29.39 10.17 -12.00
C GLY C 16 28.82 9.20 -13.01
N ILE C 17 28.66 7.94 -12.60
CA ILE C 17 28.11 6.91 -13.47
C ILE C 17 26.61 7.10 -13.66
N LEU C 18 26.00 7.86 -12.77
CA LEU C 18 24.57 8.13 -12.84
C LEU C 18 24.27 9.53 -13.35
N LYS C 19 25.09 10.50 -12.95
CA LYS C 19 24.91 11.90 -13.36
C LYS C 19 25.09 12.04 -14.87
N GLU C 20 25.78 11.08 -15.48
CA GLU C 20 25.99 11.09 -16.92
C GLU C 20 24.68 10.62 -17.56
N GLU C 21 24.08 9.58 -16.96
CA GLU C 21 22.83 9.03 -17.45
C GLU C 21 21.64 9.73 -16.79
N GLU C 25 20.65 10.48 -12.08
CA GLU C 25 19.49 11.06 -12.72
C GLU C 25 19.50 12.57 -12.54
N LEU C 26 20.22 13.25 -13.44
CA LEU C 26 20.35 14.70 -13.41
C LEU C 26 21.30 15.14 -12.29
N PHE C 27 21.05 16.33 -11.74
CA PHE C 27 21.93 16.86 -10.68
C PHE C 27 21.26 17.41 -9.42
N PRO C 28 21.84 17.10 -8.24
CA PRO C 28 21.34 17.54 -6.92
C PRO C 28 22.20 18.69 -6.35
N PRO C 29 21.97 19.93 -6.83
CA PRO C 29 22.72 21.10 -6.38
C PRO C 29 22.73 21.37 -4.88
N GLN C 30 23.51 22.36 -4.47
CA GLN C 30 23.67 22.74 -3.08
C GLN C 30 24.16 21.56 -2.24
N ALA C 31 25.42 21.64 -1.84
CA ALA C 31 26.03 20.60 -1.02
C ALA C 31 25.66 20.80 0.43
N GLU C 32 24.84 21.82 0.70
CA GLU C 32 24.43 22.06 2.08
C GLU C 32 23.76 20.79 2.55
N ALA C 33 22.92 20.23 1.68
CA ALA C 33 22.22 19.00 1.95
C ALA C 33 23.23 17.87 1.97
N VAL C 34 23.92 17.68 0.84
CA VAL C 34 24.92 16.61 0.73
C VAL C 34 25.94 16.62 1.86
N GLU C 35 26.15 17.78 2.47
CA GLU C 35 27.09 17.90 3.60
C GLU C 35 26.45 17.17 4.77
N LYS C 36 25.17 17.45 5.00
CA LYS C 36 24.37 16.84 6.06
C LYS C 36 24.38 15.32 5.91
N VAL C 37 24.33 14.86 4.67
CA VAL C 37 24.33 13.45 4.34
C VAL C 37 25.46 12.74 5.02
N PHE C 38 26.68 13.28 4.87
CA PHE C 38 27.85 12.68 5.48
C PHE C 38 28.13 13.32 6.83
N SER C 39 27.09 13.44 7.66
CA SER C 39 27.25 14.07 8.96
C SER C 39 26.99 13.10 10.08
N GLY C 40 26.65 11.86 9.73
CA GLY C 40 26.38 10.88 10.75
C GLY C 40 25.23 11.29 11.67
N LYS C 41 24.83 12.55 11.62
CA LYS C 41 23.74 13.01 12.48
C LYS C 41 22.37 12.83 11.84
N ASN C 42 21.35 12.57 12.68
CA ASN C 42 19.97 12.38 12.23
C ASN C 42 19.63 13.52 11.29
N LEU C 43 18.92 13.22 10.21
CA LEU C 43 18.59 14.26 9.24
C LEU C 43 17.16 14.17 8.71
N LEU C 44 16.56 15.32 8.47
CA LEU C 44 15.21 15.37 7.92
C LEU C 44 15.22 16.16 6.63
N LEU C 45 15.05 15.47 5.51
CA LEU C 45 15.05 16.12 4.23
C LEU C 45 13.62 16.36 3.71
N ALA C 46 13.29 17.62 3.49
CA ALA C 46 11.99 18.00 2.99
C ALA C 46 12.16 18.66 1.63
N MET C 47 11.61 18.03 0.58
CA MET C 47 11.71 18.56 -0.78
C MET C 47 10.50 18.20 -1.61
N PRO C 48 9.96 19.16 -2.36
CA PRO C 48 8.79 18.98 -3.21
C PRO C 48 8.75 17.67 -3.99
N THR C 49 9.86 17.32 -4.63
CA THR C 49 9.89 16.09 -5.40
C THR C 49 10.75 15.04 -4.70
N ALA C 50 10.45 13.78 -4.97
CA ALA C 50 11.19 12.66 -4.38
C ALA C 50 12.59 12.65 -4.98
N ALA C 51 12.76 13.43 -6.05
CA ALA C 51 14.02 13.57 -6.76
C ALA C 51 15.23 13.43 -5.85
N GLY C 52 15.75 14.57 -5.40
CA GLY C 52 16.90 14.56 -4.53
C GLY C 52 16.76 13.69 -3.30
N LYS C 53 15.58 13.73 -2.69
CA LYS C 53 15.30 12.97 -1.47
C LYS C 53 15.83 11.55 -1.44
N THR C 54 15.53 10.78 -2.48
CA THR C 54 15.97 9.40 -2.54
C THR C 54 17.48 9.30 -2.76
N LEU C 55 17.96 9.93 -3.83
CA LEU C 55 19.40 9.90 -4.12
C LEU C 55 20.16 10.28 -2.85
N LEU C 56 19.83 11.45 -2.31
CA LEU C 56 20.45 11.91 -1.08
C LEU C 56 20.42 10.78 -0.07
N ALA C 57 19.25 10.16 0.06
CA ALA C 57 19.03 9.07 1.00
C ALA C 57 19.90 7.86 0.67
N GLU C 58 20.13 7.62 -0.61
CA GLU C 58 20.94 6.47 -1.00
C GLU C 58 22.38 6.63 -0.50
N MET C 59 22.93 7.82 -0.67
CA MET C 59 24.28 8.10 -0.22
C MET C 59 24.46 7.87 1.28
N ALA C 60 23.49 8.28 2.08
CA ALA C 60 23.57 8.09 3.52
C ALA C 60 23.69 6.61 3.90
N MET C 61 22.98 5.74 3.17
CA MET C 61 23.00 4.30 3.44
C MET C 61 24.29 3.68 2.90
N VAL C 62 24.76 4.16 1.74
CA VAL C 62 26.00 3.66 1.14
C VAL C 62 27.15 4.05 2.07
N ARG C 63 27.09 5.29 2.55
CA ARG C 63 28.08 5.82 3.48
C ARG C 63 28.05 4.98 4.75
N GLU C 64 26.85 4.77 5.29
CA GLU C 64 26.65 3.99 6.50
C GLU C 64 27.10 2.55 6.23
N ALA C 65 26.93 2.12 4.98
CA ALA C 65 27.29 0.78 4.57
C ALA C 65 28.81 0.62 4.63
N ILE C 66 29.51 1.63 4.12
CA ILE C 66 30.97 1.63 4.09
C ILE C 66 31.59 1.63 5.47
N LYS C 67 30.93 2.26 6.44
CA LYS C 67 31.46 2.29 7.80
C LYS C 67 31.19 0.95 8.47
N GLY C 68 30.42 0.10 7.81
CA GLY C 68 30.10 -1.21 8.36
C GLY C 68 28.78 -1.26 9.11
N GLY C 69 27.85 -0.39 8.72
CA GLY C 69 26.54 -0.35 9.35
C GLY C 69 25.47 -0.80 8.38
N LYS C 70 24.26 -1.05 8.89
CA LYS C 70 23.16 -1.53 8.04
C LYS C 70 21.98 -0.55 8.03
N SER C 71 21.52 -0.14 6.86
CA SER C 71 20.39 0.76 6.86
C SER C 71 19.06 0.05 6.47
N LEU C 72 17.97 0.48 7.10
CA LEU C 72 16.63 -0.07 6.85
C LEU C 72 15.72 0.99 6.23
N TYR C 73 15.61 1.00 4.90
CA TYR C 73 14.77 1.98 4.20
C TYR C 73 13.30 1.57 4.21
N VAL C 74 12.52 2.29 5.01
CA VAL C 74 11.09 2.06 5.21
C VAL C 74 10.19 2.84 4.26
N VAL C 75 9.21 2.15 3.67
CA VAL C 75 8.28 2.77 2.74
C VAL C 75 6.83 2.52 3.19
N PRO C 76 5.89 3.34 2.70
CA PRO C 76 4.46 3.20 3.07
C PRO C 76 3.67 2.24 2.18
N LEU C 77 4.22 1.91 1.03
CA LEU C 77 3.54 1.05 0.06
C LEU C 77 4.39 -0.05 -0.52
N ARG C 78 3.76 -1.21 -0.76
CA ARG C 78 4.43 -2.36 -1.36
C ARG C 78 5.14 -1.94 -2.65
N ALA C 79 4.38 -1.42 -3.61
CA ALA C 79 4.95 -0.97 -4.87
C ALA C 79 6.23 -0.14 -4.65
N LEU C 80 6.15 0.90 -3.82
CA LEU C 80 7.33 1.73 -3.57
C LEU C 80 8.49 0.88 -3.09
N ALA C 81 8.20 -0.07 -2.20
CA ALA C 81 9.23 -0.95 -1.67
C ALA C 81 9.94 -1.68 -2.83
N GLY C 82 9.18 -2.00 -3.87
CA GLY C 82 9.75 -2.69 -5.00
C GLY C 82 10.52 -1.70 -5.84
N GLU C 83 9.82 -0.66 -6.31
CA GLU C 83 10.41 0.40 -7.12
C GLU C 83 11.74 0.85 -6.51
N LYS C 84 11.72 1.18 -5.21
CA LYS C 84 12.93 1.62 -4.52
C LYS C 84 13.91 0.46 -4.35
N TYR C 85 13.43 -0.77 -4.57
CA TYR C 85 14.27 -1.96 -4.43
C TYR C 85 15.05 -2.23 -5.71
N GLU C 86 14.33 -2.34 -6.82
CA GLU C 86 14.92 -2.59 -8.12
C GLU C 86 15.87 -1.43 -8.42
N SER C 87 15.63 -0.29 -7.78
CA SER C 87 16.44 0.90 -7.95
C SER C 87 17.77 0.82 -7.19
N PHE C 88 17.75 0.26 -5.98
CA PHE C 88 18.96 0.12 -5.19
C PHE C 88 19.79 -1.07 -5.69
N LYS C 89 19.25 -1.77 -6.68
CA LYS C 89 19.94 -2.91 -7.25
C LYS C 89 21.23 -2.43 -7.93
N LYS C 90 21.37 -1.11 -8.05
CA LYS C 90 22.54 -0.53 -8.67
C LYS C 90 23.74 -0.47 -7.73
N TRP C 91 23.51 -0.11 -6.47
CA TRP C 91 24.61 -0.03 -5.51
C TRP C 91 25.23 -1.39 -5.18
N GLU C 92 24.77 -2.43 -5.87
CA GLU C 92 25.29 -3.78 -5.68
C GLU C 92 26.71 -3.85 -6.23
N LYS C 93 26.95 -3.05 -7.27
CA LYS C 93 28.27 -2.98 -7.91
C LYS C 93 29.35 -2.87 -6.85
N ILE C 94 29.39 -1.73 -6.17
CA ILE C 94 30.36 -1.46 -5.13
C ILE C 94 30.43 -2.56 -4.06
N GLY C 95 29.66 -3.63 -4.25
CA GLY C 95 29.68 -4.71 -3.30
C GLY C 95 28.61 -4.60 -2.23
N LEU C 96 27.54 -3.87 -2.54
CA LEU C 96 26.44 -3.71 -1.60
C LEU C 96 25.36 -4.75 -1.84
N ARG C 97 24.90 -5.38 -0.76
CA ARG C 97 23.84 -6.39 -0.85
C ARG C 97 22.47 -5.77 -0.49
N ILE C 98 21.61 -5.62 -1.50
CA ILE C 98 20.28 -5.05 -1.29
C ILE C 98 19.29 -6.13 -0.81
N GLY C 99 18.19 -5.70 -0.22
CA GLY C 99 17.20 -6.65 0.26
C GLY C 99 15.80 -6.08 0.18
N ILE C 100 14.79 -6.90 0.52
CA ILE C 100 13.41 -6.42 0.52
C ILE C 100 12.52 -7.39 1.29
N SER C 101 11.73 -6.86 2.23
CA SER C 101 10.84 -7.69 3.04
C SER C 101 9.48 -7.06 3.33
N THR C 102 8.48 -7.51 2.60
CA THR C 102 7.10 -7.04 2.73
C THR C 102 6.30 -8.17 3.38
N GLY C 103 5.01 -7.98 3.58
CA GLY C 103 4.21 -9.06 4.17
C GLY C 103 3.64 -9.82 2.99
N ASP C 104 4.01 -9.34 1.82
CA ASP C 104 3.59 -9.85 0.54
C ASP C 104 4.73 -10.55 -0.20
N TYR C 105 5.89 -9.89 -0.24
CA TYR C 105 7.07 -10.42 -0.93
C TYR C 105 8.35 -10.23 -0.12
N GLU C 106 9.25 -11.22 -0.19
CA GLU C 106 10.53 -11.14 0.51
C GLU C 106 11.66 -11.74 -0.34
N SER C 107 12.79 -11.04 -0.36
CA SER C 107 13.95 -11.47 -1.15
C SER C 107 14.67 -12.68 -0.57
N ARG C 108 14.84 -13.69 -1.41
CA ARG C 108 15.52 -14.92 -1.03
C ARG C 108 16.92 -14.83 -1.66
N ASP C 109 17.09 -13.83 -2.53
CA ASP C 109 18.33 -13.56 -3.23
C ASP C 109 19.53 -13.68 -2.28
N GLU C 110 19.45 -13.01 -1.13
CA GLU C 110 20.54 -13.05 -0.14
C GLU C 110 19.98 -13.30 1.27
N HIS C 111 20.85 -13.66 2.21
CA HIS C 111 20.41 -13.96 3.56
C HIS C 111 19.76 -12.81 4.30
N LEU C 112 19.35 -11.78 3.56
CA LEU C 112 18.67 -10.61 4.15
C LEU C 112 19.40 -9.98 5.31
N GLY C 113 19.50 -10.71 6.41
CA GLY C 113 20.19 -10.23 7.59
C GLY C 113 21.65 -9.89 7.34
N ASP C 114 22.07 -9.95 6.08
CA ASP C 114 23.43 -9.64 5.68
C ASP C 114 23.43 -8.57 4.60
N CYS C 115 22.30 -7.88 4.45
CA CYS C 115 22.18 -6.83 3.46
C CYS C 115 22.54 -5.49 4.10
N ASP C 116 23.00 -4.56 3.28
CA ASP C 116 23.40 -3.23 3.73
C ASP C 116 22.22 -2.26 3.66
N ILE C 117 21.24 -2.62 2.85
CA ILE C 117 20.06 -1.81 2.68
C ILE C 117 18.84 -2.72 2.59
N ILE C 118 18.04 -2.76 3.65
CA ILE C 118 16.85 -3.59 3.63
C ILE C 118 15.62 -2.70 3.44
N VAL C 119 14.92 -2.91 2.34
CA VAL C 119 13.73 -2.13 2.05
C VAL C 119 12.49 -2.90 2.52
N THR C 120 11.58 -2.20 3.19
CA THR C 120 10.35 -2.83 3.65
C THR C 120 9.28 -1.78 3.77
N THR C 121 8.12 -2.19 4.25
CA THR C 121 7.03 -1.26 4.46
C THR C 121 6.99 -0.97 5.97
N SER C 122 6.42 0.18 6.34
CA SER C 122 6.32 0.60 7.73
C SER C 122 5.77 -0.49 8.63
N GLU C 123 4.52 -0.87 8.41
CA GLU C 123 3.89 -1.90 9.22
C GLU C 123 4.67 -3.21 9.18
N LYS C 124 5.32 -3.51 8.05
CA LYS C 124 6.12 -4.72 7.96
C LYS C 124 7.31 -4.60 8.88
N ALA C 125 7.97 -3.44 8.81
CA ALA C 125 9.13 -3.18 9.64
C ALA C 125 8.68 -3.37 11.09
N ASP C 126 7.54 -2.81 11.45
CA ASP C 126 7.04 -2.96 12.81
C ASP C 126 6.84 -4.42 13.16
N SER C 127 6.25 -5.17 12.24
CA SER C 127 6.01 -6.60 12.46
C SER C 127 7.30 -7.39 12.63
N LEU C 128 8.31 -7.06 11.83
CA LEU C 128 9.61 -7.75 11.92
C LEU C 128 10.20 -7.57 13.32
N ILE C 129 9.83 -6.47 13.95
CA ILE C 129 10.30 -6.22 15.30
C ILE C 129 9.46 -7.10 16.20
N ARG C 130 8.14 -6.94 16.10
CA ARG C 130 7.22 -7.72 16.91
C ARG C 130 7.59 -9.19 16.90
N ASN C 131 8.00 -9.66 15.73
CA ASN C 131 8.40 -11.06 15.57
C ASN C 131 9.89 -11.23 15.79
N ARG C 132 10.38 -10.50 16.78
CA ARG C 132 11.78 -10.51 17.21
C ARG C 132 12.81 -10.86 16.15
N ALA C 133 12.76 -10.21 14.98
CA ALA C 133 13.75 -10.50 13.95
C ALA C 133 15.15 -10.39 14.56
N SER C 134 16.12 -11.01 13.92
CA SER C 134 17.49 -10.97 14.43
C SER C 134 18.26 -9.76 13.91
N TRP C 135 18.25 -9.59 12.59
CA TRP C 135 18.97 -8.48 11.99
C TRP C 135 18.38 -7.13 12.36
N ILE C 136 17.10 -7.11 12.68
CA ILE C 136 16.46 -5.87 13.04
C ILE C 136 17.28 -5.17 14.14
N LYS C 137 18.12 -5.94 14.83
CA LYS C 137 18.92 -5.37 15.89
C LYS C 137 20.37 -5.06 15.50
N ALA C 138 20.61 -4.91 14.21
CA ALA C 138 21.93 -4.58 13.69
C ALA C 138 21.75 -3.49 12.64
N VAL C 139 20.65 -2.77 12.76
CA VAL C 139 20.32 -1.68 11.84
C VAL C 139 20.78 -0.39 12.49
N SER C 140 21.71 0.28 11.82
CA SER C 140 22.28 1.52 12.33
C SER C 140 21.63 2.77 11.76
N CYS C 141 21.21 2.70 10.51
CA CYS C 141 20.56 3.83 9.88
C CYS C 141 19.11 3.45 9.51
N LEU C 142 18.18 4.29 9.94
CA LEU C 142 16.78 4.05 9.65
C LEU C 142 16.26 5.19 8.79
N VAL C 143 16.05 4.93 7.51
CA VAL C 143 15.52 5.95 6.61
C VAL C 143 14.02 5.74 6.49
N VAL C 144 13.23 6.72 6.93
CA VAL C 144 11.78 6.63 6.85
C VAL C 144 11.26 7.55 5.74
N ASP C 145 11.08 6.99 4.55
CA ASP C 145 10.57 7.76 3.40
C ASP C 145 9.14 8.20 3.70
N GLU C 146 8.63 9.17 2.94
CA GLU C 146 7.27 9.65 3.13
C GLU C 146 6.91 9.95 4.59
N ILE C 147 7.87 10.48 5.34
CA ILE C 147 7.65 10.76 6.75
C ILE C 147 6.47 11.69 7.01
N HIS C 148 6.02 12.40 5.98
CA HIS C 148 4.87 13.31 6.11
C HIS C 148 3.56 12.55 6.31
N LEU C 149 3.57 11.26 5.98
CA LEU C 149 2.39 10.42 6.13
C LEU C 149 2.12 10.26 7.62
N LEU C 150 2.90 10.99 8.41
CA LEU C 150 2.78 11.01 9.86
C LEU C 150 1.41 11.60 10.22
N ASP C 151 0.84 12.32 9.26
CA ASP C 151 -0.44 13.02 9.39
C ASP C 151 -1.64 12.13 9.11
N SER C 152 -1.41 11.06 8.36
CA SER C 152 -2.47 10.11 8.00
C SER C 152 -3.17 9.41 9.15
N GLU C 153 -4.49 9.53 9.22
CA GLU C 153 -5.26 8.88 10.27
C GLU C 153 -5.04 7.37 10.23
N LYS C 154 -4.73 6.83 9.05
CA LYS C 154 -4.50 5.40 8.91
C LYS C 154 -3.04 5.00 9.18
N ARG C 155 -2.11 5.58 8.42
CA ARG C 155 -0.70 5.23 8.55
C ARG C 155 0.09 6.02 9.60
N GLY C 156 -0.44 7.15 10.05
CA GLY C 156 0.28 7.97 11.01
C GLY C 156 0.90 7.33 12.24
N ALA C 157 0.05 6.75 13.09
CA ALA C 157 0.52 6.15 14.33
C ALA C 157 1.63 5.12 14.20
N THR C 158 1.58 4.30 13.16
CA THR C 158 2.60 3.27 13.00
C THR C 158 4.01 3.83 12.82
N LEU C 159 4.12 4.94 12.07
CA LEU C 159 5.41 5.59 11.85
C LEU C 159 5.92 6.11 13.18
N GLU C 160 5.05 6.78 13.92
CA GLU C 160 5.42 7.31 15.22
C GLU C 160 5.92 6.17 16.11
N ILE C 161 5.19 5.07 16.14
CA ILE C 161 5.61 3.95 16.97
C ILE C 161 6.85 3.25 16.44
N LEU C 162 6.93 3.04 15.12
CA LEU C 162 8.09 2.38 14.53
C LEU C 162 9.33 3.09 15.03
N VAL C 163 9.45 4.36 14.65
CA VAL C 163 10.59 5.19 15.02
C VAL C 163 10.91 5.13 16.53
N THR C 164 9.92 5.38 17.37
CA THR C 164 10.15 5.36 18.80
C THR C 164 10.76 4.06 19.32
N LYS C 165 10.30 2.92 18.82
CA LYS C 165 10.82 1.63 19.28
C LYS C 165 12.26 1.47 18.81
N MET C 166 12.49 1.79 17.54
CA MET C 166 13.81 1.69 16.95
C MET C 166 14.84 2.49 17.75
N ARG C 167 14.52 3.76 18.01
CA ARG C 167 15.40 4.63 18.76
C ARG C 167 15.64 4.11 20.17
N ARG C 168 14.57 3.74 20.86
CA ARG C 168 14.73 3.23 22.22
C ARG C 168 15.69 2.05 22.26
N MET C 169 15.84 1.35 21.14
CA MET C 169 16.75 0.22 21.05
C MET C 169 18.17 0.72 20.82
N ASN C 170 18.50 0.93 19.56
CA ASN C 170 19.83 1.40 19.18
C ASN C 170 19.95 2.90 19.46
N LYS C 171 20.42 3.23 20.66
CA LYS C 171 20.57 4.64 21.08
C LYS C 171 21.53 5.40 20.16
N ALA C 172 22.27 4.65 19.35
CA ALA C 172 23.22 5.24 18.41
C ALA C 172 22.66 5.16 16.98
N LEU C 173 21.38 4.79 16.89
CA LEU C 173 20.75 4.68 15.59
C LEU C 173 20.64 6.04 14.92
N ARG C 174 20.88 6.08 13.62
CA ARG C 174 20.76 7.32 12.89
C ARG C 174 19.46 7.32 12.11
N VAL C 175 18.56 8.23 12.44
CA VAL C 175 17.28 8.32 11.77
C VAL C 175 17.19 9.44 10.73
N ILE C 176 16.90 9.07 9.50
CA ILE C 176 16.78 10.04 8.42
C ILE C 176 15.38 9.94 7.86
N GLY C 177 14.60 11.03 7.94
CA GLY C 177 13.26 11.01 7.40
C GLY C 177 13.08 11.90 6.19
N LEU C 178 12.61 11.35 5.08
CA LEU C 178 12.38 12.15 3.86
C LEU C 178 10.92 12.59 3.89
N SER C 179 10.70 13.88 3.69
CA SER C 179 9.35 14.41 3.73
C SER C 179 9.01 15.35 2.60
N ALA C 180 7.72 15.66 2.50
CA ALA C 180 7.25 16.59 1.50
C ALA C 180 7.18 17.94 2.21
N THR C 181 7.04 19.02 1.43
CA THR C 181 6.95 20.36 2.00
C THR C 181 5.71 20.49 2.90
N ALA C 182 5.84 21.24 3.98
CA ALA C 182 4.76 21.44 4.93
C ALA C 182 5.24 22.40 6.00
N PRO C 183 4.43 23.40 6.34
CA PRO C 183 4.80 24.38 7.36
C PRO C 183 5.66 23.87 8.51
N ASN C 184 5.18 22.90 9.27
CA ASN C 184 5.95 22.42 10.42
C ASN C 184 7.00 21.32 10.24
N VAL C 185 7.59 21.19 9.05
CA VAL C 185 8.59 20.14 8.88
C VAL C 185 9.67 20.18 9.95
N THR C 186 10.06 21.39 10.35
CA THR C 186 11.09 21.54 11.36
C THR C 186 10.70 20.93 12.70
N GLU C 187 9.39 20.73 12.90
CA GLU C 187 8.88 20.14 14.13
C GLU C 187 9.21 18.65 14.05
N ILE C 188 9.04 18.07 12.86
CA ILE C 188 9.37 16.66 12.68
C ILE C 188 10.86 16.54 13.03
N ALA C 189 11.67 17.40 12.41
CA ALA C 189 13.11 17.38 12.62
C ALA C 189 13.48 17.50 14.10
N GLU C 190 12.82 18.42 14.80
CA GLU C 190 13.09 18.59 16.22
C GLU C 190 12.80 17.28 16.94
N TRP C 191 11.61 16.73 16.70
CA TRP C 191 11.21 15.47 17.32
C TRP C 191 12.29 14.43 17.05
N LEU C 192 12.82 14.46 15.83
CA LEU C 192 13.85 13.51 15.46
C LEU C 192 15.24 13.89 15.93
N ASP C 193 15.39 15.06 16.56
CA ASP C 193 16.70 15.54 17.03
C ASP C 193 17.64 15.52 15.85
N ALA C 194 17.20 16.16 14.77
CA ALA C 194 17.98 16.16 13.54
C ALA C 194 18.16 17.47 12.76
N ASP C 195 19.37 17.65 12.21
CA ASP C 195 19.63 18.81 11.38
C ASP C 195 18.64 18.62 10.23
N TYR C 196 18.19 19.70 9.61
CA TYR C 196 17.26 19.56 8.52
C TYR C 196 17.70 20.26 7.26
N TYR C 197 16.89 20.12 6.22
CA TYR C 197 17.19 20.74 4.94
C TYR C 197 15.91 20.89 4.14
N VAL C 198 15.27 22.05 4.27
CA VAL C 198 14.03 22.31 3.57
C VAL C 198 14.22 23.11 2.28
N SER C 199 13.73 22.58 1.18
CA SER C 199 13.83 23.26 -0.11
C SER C 199 12.55 23.05 -0.90
N ASP C 200 12.31 23.93 -1.87
CA ASP C 200 11.14 23.82 -2.71
C ASP C 200 11.60 23.69 -4.14
N TRP C 201 12.88 23.33 -4.29
CA TRP C 201 13.48 23.17 -5.59
C TRP C 201 12.91 22.00 -6.40
N ARG C 202 12.59 22.25 -7.66
CA ARG C 202 12.06 21.22 -8.54
C ARG C 202 12.86 21.14 -9.82
N PRO C 203 13.23 19.92 -10.24
CA PRO C 203 13.99 19.75 -11.47
C PRO C 203 13.34 20.50 -12.63
N VAL C 204 12.00 20.40 -12.71
CA VAL C 204 11.25 21.09 -13.75
C VAL C 204 10.25 22.03 -13.11
N PRO C 205 10.41 23.33 -13.35
CA PRO C 205 9.47 24.28 -12.76
C PRO C 205 8.03 23.85 -13.05
N LEU C 206 7.08 24.33 -12.25
CA LEU C 206 5.69 23.98 -12.44
C LEU C 206 4.76 25.19 -12.42
N VAL C 207 4.03 25.35 -13.52
CA VAL C 207 3.07 26.42 -13.67
C VAL C 207 1.71 25.81 -13.33
N GLU C 208 1.02 26.39 -12.35
CA GLU C 208 -0.29 25.88 -11.98
C GLU C 208 -1.37 26.78 -12.56
N GLY C 209 -2.39 26.17 -13.17
CA GLY C 209 -3.47 26.95 -13.77
C GLY C 209 -4.83 26.66 -13.14
N VAL C 210 -5.86 27.27 -13.70
CA VAL C 210 -7.23 27.12 -13.22
C VAL C 210 -8.21 27.26 -14.39
N LEU C 211 -8.79 26.14 -14.83
CA LEU C 211 -9.76 26.18 -15.92
C LEU C 211 -11.13 26.42 -15.30
N CYS C 212 -11.83 27.45 -15.80
CA CYS C 212 -13.15 27.78 -15.29
C CYS C 212 -13.93 28.50 -16.38
N GLU C 213 -15.07 27.94 -16.75
CA GLU C 213 -15.91 28.53 -17.79
C GLU C 213 -15.12 28.74 -19.08
N GLY C 214 -14.68 27.63 -19.68
CA GLY C 214 -13.94 27.70 -20.92
C GLY C 214 -12.73 28.61 -20.90
N THR C 215 -12.18 28.86 -19.72
CA THR C 215 -11.01 29.72 -19.62
C THR C 215 -9.95 29.29 -18.60
N LEU C 216 -8.78 28.95 -19.14
CA LEU C 216 -7.64 28.54 -18.33
C LEU C 216 -6.72 29.72 -18.12
N GLU C 217 -6.30 29.95 -16.89
CA GLU C 217 -5.39 31.04 -16.59
C GLU C 217 -4.17 30.41 -15.90
N LEU C 218 -3.01 30.44 -16.55
CA LEU C 218 -1.81 29.88 -15.92
C LEU C 218 -1.22 30.83 -14.89
N PHE C 219 -0.23 30.37 -14.14
CA PHE C 219 0.41 31.22 -13.16
C PHE C 219 1.88 30.89 -13.15
N ASP C 220 2.62 31.73 -13.88
CA ASP C 220 4.07 31.62 -14.03
C ASP C 220 4.66 32.85 -13.34
N GLY C 221 5.19 32.65 -12.14
CA GLY C 221 5.79 33.76 -11.43
C GLY C 221 4.78 34.77 -10.91
N ALA C 222 4.82 35.98 -11.47
CA ALA C 222 3.91 37.04 -11.05
C ALA C 222 2.83 37.36 -12.07
N PHE C 223 3.10 37.03 -13.34
CA PHE C 223 2.13 37.32 -14.39
C PHE C 223 1.39 36.07 -14.85
N SER C 224 0.09 36.24 -15.11
CA SER C 224 -0.75 35.14 -15.55
C SER C 224 -0.90 35.14 -17.06
N THR C 225 -1.67 34.19 -17.59
CA THR C 225 -1.91 34.04 -19.02
C THR C 225 -3.27 33.39 -19.27
N SER C 226 -4.30 34.19 -19.53
CA SER C 226 -5.61 33.62 -19.78
C SER C 226 -5.76 33.14 -21.22
N ARG C 227 -6.64 32.16 -21.40
CA ARG C 227 -6.90 31.56 -22.69
C ARG C 227 -8.16 30.72 -22.59
N ARG C 228 -8.94 30.72 -23.66
CA ARG C 228 -10.15 29.94 -23.69
C ARG C 228 -9.93 28.58 -24.37
N VAL C 229 -10.25 27.51 -23.65
CA VAL C 229 -10.11 26.14 -24.15
C VAL C 229 -11.03 25.21 -23.39
N LYS C 230 -11.33 24.07 -23.99
CA LYS C 230 -12.17 23.06 -23.36
C LYS C 230 -11.23 21.97 -22.86
N PHE C 231 -11.70 21.16 -21.93
CA PHE C 231 -10.90 20.09 -21.34
C PHE C 231 -10.36 19.05 -22.34
N GLU C 232 -11.22 18.55 -23.23
CA GLU C 232 -10.79 17.55 -24.22
C GLU C 232 -9.72 18.09 -25.17
N GLU C 233 -9.40 19.38 -25.05
CA GLU C 233 -8.39 19.97 -25.91
C GLU C 233 -7.08 20.00 -25.16
N LEU C 234 -7.16 20.44 -23.91
CA LEU C 234 -5.99 20.51 -23.04
C LEU C 234 -5.20 19.23 -23.12
N VAL C 235 -5.87 18.14 -23.49
CA VAL C 235 -5.19 16.86 -23.60
C VAL C 235 -4.58 16.70 -24.97
N GLU C 236 -5.39 16.84 -26.00
CA GLU C 236 -4.91 16.67 -27.37
C GLU C 236 -3.69 17.54 -27.65
N GLU C 237 -3.60 18.67 -26.95
CA GLU C 237 -2.47 19.57 -27.10
C GLU C 237 -1.23 18.81 -26.68
N CYS C 238 -1.27 18.26 -25.47
CA CYS C 238 -0.14 17.52 -24.91
C CYS C 238 0.02 16.11 -25.49
N VAL C 239 -1.06 15.55 -26.01
CA VAL C 239 -1.00 14.22 -26.58
C VAL C 239 -0.14 14.32 -27.83
N ALA C 240 -0.42 15.35 -28.63
CA ALA C 240 0.30 15.59 -29.86
C ALA C 240 1.81 15.70 -29.63
N GLU C 241 2.20 16.32 -28.52
CA GLU C 241 3.62 16.49 -28.19
C GLU C 241 4.19 15.23 -27.54
N ASN C 242 3.38 14.18 -27.50
CA ASN C 242 3.80 12.92 -26.89
C ASN C 242 4.36 13.25 -25.51
N GLY C 243 3.57 13.98 -24.73
CA GLY C 243 4.01 14.38 -23.40
C GLY C 243 3.35 13.64 -22.26
N GLY C 244 2.28 12.90 -22.55
CA GLY C 244 1.60 12.18 -21.50
C GLY C 244 0.77 13.08 -20.60
N VAL C 245 -0.52 12.77 -20.49
CA VAL C 245 -1.43 13.56 -19.67
C VAL C 245 -2.00 12.72 -18.52
N LEU C 246 -2.00 13.29 -17.32
CA LEU C 246 -2.54 12.63 -16.14
C LEU C 246 -3.83 13.34 -15.75
N VAL C 247 -4.93 12.59 -15.71
CA VAL C 247 -6.19 13.18 -15.33
C VAL C 247 -6.69 12.49 -14.07
N PHE C 248 -6.62 13.19 -12.95
CA PHE C 248 -7.08 12.63 -11.69
C PHE C 248 -8.58 12.83 -11.54
N GLU C 249 -9.28 11.72 -11.36
CA GLU C 249 -10.73 11.75 -11.16
C GLU C 249 -11.04 11.33 -9.73
N SER C 250 -12.27 11.57 -9.28
CA SER C 250 -12.63 11.26 -7.90
C SER C 250 -13.29 9.92 -7.66
N THR C 251 -13.75 9.27 -8.73
CA THR C 251 -14.42 7.97 -8.64
C THR C 251 -14.04 7.05 -9.80
N ARG C 252 -14.01 5.74 -9.54
CA ARG C 252 -13.69 4.75 -10.58
C ARG C 252 -14.61 4.94 -11.78
N ARG C 253 -15.84 5.38 -11.50
CA ARG C 253 -16.84 5.61 -12.53
C ARG C 253 -16.37 6.77 -13.37
N GLY C 254 -15.87 7.80 -12.72
CA GLY C 254 -15.39 8.97 -13.44
C GLY C 254 -14.16 8.60 -14.24
N ALA C 255 -13.22 7.93 -13.58
CA ALA C 255 -12.00 7.54 -14.24
C ALA C 255 -12.29 6.78 -15.53
N GLU C 256 -13.11 5.74 -15.42
CA GLU C 256 -13.43 4.93 -16.59
C GLU C 256 -14.16 5.71 -17.68
N LYS C 257 -15.14 6.51 -17.28
CA LYS C 257 -15.90 7.28 -18.25
C LYS C 257 -14.94 8.11 -19.11
N THR C 258 -14.20 8.99 -18.43
CA THR C 258 -13.23 9.86 -19.06
C THR C 258 -12.24 9.12 -19.97
N ALA C 259 -11.65 8.06 -19.45
CA ALA C 259 -10.67 7.29 -20.22
C ALA C 259 -11.24 6.82 -21.55
N VAL C 260 -12.50 6.38 -21.55
CA VAL C 260 -13.13 5.91 -22.77
C VAL C 260 -13.34 7.05 -23.78
N LYS C 261 -13.63 8.25 -23.28
CA LYS C 261 -13.82 9.40 -24.16
C LYS C 261 -12.48 9.86 -24.70
N LEU C 262 -11.52 10.06 -23.81
CA LEU C 262 -10.19 10.51 -24.22
C LEU C 262 -9.56 9.52 -25.20
N SER C 263 -10.04 8.28 -25.20
CA SER C 263 -9.48 7.27 -26.09
C SER C 263 -9.80 7.62 -27.53
N ALA C 264 -10.93 8.29 -27.74
CA ALA C 264 -11.33 8.71 -29.09
C ALA C 264 -10.23 9.57 -29.68
N ILE C 265 -9.71 10.47 -28.86
CA ILE C 265 -8.64 11.36 -29.25
C ILE C 265 -7.34 10.58 -29.44
N THR C 266 -6.86 9.93 -28.38
CA THR C 266 -5.62 9.16 -28.45
C THR C 266 -5.62 8.12 -29.57
N ALA C 267 -6.77 7.48 -29.79
CA ALA C 267 -6.89 6.47 -30.83
C ALA C 267 -6.26 6.96 -32.14
N LYS C 268 -6.57 8.20 -32.51
CA LYS C 268 -6.06 8.77 -33.75
C LYS C 268 -4.62 9.27 -33.61
N TYR C 269 -3.84 8.62 -32.77
CA TYR C 269 -2.44 8.99 -32.59
C TYR C 269 -1.57 7.74 -32.44
N VAL C 270 -2.07 6.73 -31.74
CA VAL C 270 -1.33 5.48 -31.57
C VAL C 270 -2.26 4.28 -31.45
N GLU C 271 -1.71 3.10 -31.72
CA GLU C 271 -2.44 1.87 -31.62
C GLU C 271 -1.50 0.82 -31.10
N ASN C 272 -1.64 0.50 -29.82
CA ASN C 272 -0.78 -0.49 -29.21
C ASN C 272 -1.20 -1.88 -29.63
N GLU C 273 -2.41 -2.30 -29.27
CA GLU C 273 -2.91 -3.61 -29.67
C GLU C 273 -2.06 -4.74 -29.08
N GLY C 274 -0.78 -4.46 -28.87
CA GLY C 274 0.10 -5.44 -28.29
C GLY C 274 -0.16 -5.42 -26.80
N LEU C 275 -0.42 -4.21 -26.29
CA LEU C 275 -0.72 -4.02 -24.88
C LEU C 275 -2.16 -4.45 -24.63
N GLU C 276 -3.01 -4.34 -25.64
CA GLU C 276 -4.40 -4.76 -25.49
C GLU C 276 -4.41 -6.22 -25.05
N LYS C 277 -3.28 -6.90 -25.26
CA LYS C 277 -3.14 -8.30 -24.90
C LYS C 277 -2.73 -8.49 -23.44
N ALA C 278 -1.63 -7.85 -23.04
CA ALA C 278 -1.11 -7.97 -21.66
C ALA C 278 -2.10 -7.49 -20.60
N ILE C 279 -3.22 -6.93 -21.05
CA ILE C 279 -4.26 -6.43 -20.17
C ILE C 279 -5.34 -7.48 -19.99
N LEU C 280 -5.66 -8.18 -21.08
CA LEU C 280 -6.69 -9.20 -21.06
C LEU C 280 -6.10 -10.56 -20.72
N GLU C 281 -4.79 -10.57 -20.52
CA GLU C 281 -4.03 -11.77 -20.21
C GLU C 281 -4.51 -12.53 -18.99
N GLU C 282 -4.35 -11.88 -17.84
CA GLU C 282 -4.69 -12.39 -16.52
C GLU C 282 -6.20 -12.51 -16.27
N ASN C 283 -6.97 -11.56 -16.81
CA ASN C 283 -8.42 -11.53 -16.65
C ASN C 283 -9.13 -10.82 -17.79
N GLU C 284 -10.38 -11.20 -18.03
CA GLU C 284 -11.18 -10.55 -19.06
C GLU C 284 -12.50 -10.08 -18.44
N GLY C 285 -13.55 -9.97 -19.22
CA GLY C 285 -14.80 -9.51 -18.63
C GLY C 285 -14.93 -7.99 -18.54
N GLU C 286 -16.18 -7.54 -18.57
CA GLU C 286 -16.56 -6.14 -18.54
C GLU C 286 -15.45 -5.11 -18.36
N MET C 287 -15.02 -4.91 -17.13
CA MET C 287 -13.96 -3.94 -16.84
C MET C 287 -12.69 -4.16 -17.66
N SER C 288 -12.06 -5.33 -17.48
CA SER C 288 -10.83 -5.66 -18.20
C SER C 288 -10.97 -5.47 -19.70
N ARG C 289 -12.14 -5.77 -20.23
CA ARG C 289 -12.34 -5.58 -21.65
C ARG C 289 -12.25 -4.07 -21.94
N LYS C 290 -13.10 -3.29 -21.30
CA LYS C 290 -13.11 -1.84 -21.47
C LYS C 290 -11.72 -1.21 -21.31
N LEU C 291 -10.91 -1.77 -20.43
CA LEU C 291 -9.56 -1.24 -20.21
C LEU C 291 -8.69 -1.61 -21.42
N ALA C 292 -8.81 -2.83 -21.91
CA ALA C 292 -8.01 -3.22 -23.06
C ALA C 292 -8.38 -2.33 -24.25
N GLU C 293 -9.67 -2.07 -24.45
CA GLU C 293 -10.13 -1.23 -25.56
C GLU C 293 -9.67 0.23 -25.41
N CYS C 294 -9.18 0.60 -24.23
CA CYS C 294 -8.71 1.96 -24.03
C CYS C 294 -7.22 1.96 -24.30
N VAL C 295 -6.54 0.94 -23.80
CA VAL C 295 -5.10 0.81 -23.98
C VAL C 295 -4.75 0.65 -25.45
N ARG C 296 -5.64 0.02 -26.22
CA ARG C 296 -5.40 -0.19 -27.64
C ARG C 296 -5.47 1.12 -28.40
N LYS C 297 -6.43 1.96 -28.00
CA LYS C 297 -6.59 3.25 -28.64
C LYS C 297 -5.64 4.28 -28.05
N GLY C 298 -4.79 3.83 -27.12
CA GLY C 298 -3.83 4.74 -26.52
C GLY C 298 -4.20 5.45 -25.23
N ALA C 299 -5.36 5.12 -24.67
CA ALA C 299 -5.81 5.71 -23.41
C ALA C 299 -5.77 4.64 -22.31
N ALA C 300 -6.20 4.97 -21.09
CA ALA C 300 -6.19 4.00 -20.01
C ALA C 300 -6.65 4.56 -18.68
N PHE C 301 -7.62 3.88 -18.05
CA PHE C 301 -8.09 4.31 -16.74
C PHE C 301 -7.29 3.46 -15.75
N HIS C 302 -7.10 3.97 -14.53
CA HIS C 302 -6.30 3.26 -13.55
C HIS C 302 -6.80 3.49 -12.14
N HIS C 303 -7.34 2.44 -11.53
CA HIS C 303 -7.82 2.50 -10.15
C HIS C 303 -7.60 1.16 -9.47
N ALA C 304 -7.95 1.05 -8.18
CA ALA C 304 -7.74 -0.18 -7.42
C ALA C 304 -8.55 -1.39 -7.85
N GLY C 305 -9.35 -1.23 -8.89
CA GLY C 305 -10.15 -2.33 -9.40
C GLY C 305 -9.35 -3.16 -10.39
N LEU C 306 -8.31 -2.57 -10.98
CA LEU C 306 -7.49 -3.30 -11.94
C LEU C 306 -6.62 -4.25 -11.16
N LEU C 307 -6.22 -5.35 -11.80
CA LEU C 307 -5.33 -6.32 -11.17
C LEU C 307 -3.95 -5.69 -11.12
N ASN C 308 -3.12 -6.11 -10.17
CA ASN C 308 -1.78 -5.54 -10.07
C ASN C 308 -1.04 -5.68 -11.39
N GLY C 309 -1.40 -6.69 -12.17
CA GLY C 309 -0.77 -6.88 -13.46
C GLY C 309 -1.20 -5.76 -14.38
N GLN C 310 -2.51 -5.64 -14.59
CA GLN C 310 -3.07 -4.59 -15.44
C GLN C 310 -2.53 -3.23 -15.00
N ARG C 311 -2.15 -3.15 -13.72
CA ARG C 311 -1.60 -1.92 -13.15
C ARG C 311 -0.23 -1.62 -13.75
N ARG C 312 0.72 -2.52 -13.56
CA ARG C 312 2.06 -2.31 -14.09
C ARG C 312 2.04 -2.11 -15.61
N VAL C 313 1.27 -2.93 -16.31
CA VAL C 313 1.20 -2.79 -17.76
C VAL C 313 0.97 -1.32 -18.12
N VAL C 314 -0.11 -0.74 -17.61
CA VAL C 314 -0.48 0.65 -17.87
C VAL C 314 0.62 1.64 -17.51
N GLU C 315 1.23 1.46 -16.36
CA GLU C 315 2.27 2.35 -15.90
C GLU C 315 3.47 2.32 -16.84
N ASP C 316 3.98 1.13 -17.13
CA ASP C 316 5.12 0.97 -18.03
C ASP C 316 4.86 1.64 -19.38
N ALA C 317 3.75 1.25 -20.01
CA ALA C 317 3.33 1.78 -21.30
C ALA C 317 3.19 3.30 -21.32
N PHE C 318 2.80 3.89 -20.20
CA PHE C 318 2.64 5.35 -20.11
C PHE C 318 4.00 6.05 -20.26
N ARG C 319 5.04 5.37 -19.82
CA ARG C 319 6.40 5.90 -19.91
C ARG C 319 6.92 5.70 -21.32
N ARG C 320 6.67 4.53 -21.88
CA ARG C 320 7.11 4.22 -23.23
C ARG C 320 6.39 5.11 -24.25
N GLY C 321 5.46 5.92 -23.78
CA GLY C 321 4.74 6.81 -24.67
C GLY C 321 3.61 6.14 -25.44
N ASN C 322 3.48 4.83 -25.29
CA ASN C 322 2.43 4.06 -25.95
C ASN C 322 1.06 4.50 -25.45
N ILE C 323 1.00 4.80 -24.16
CA ILE C 323 -0.22 5.28 -23.52
C ILE C 323 -0.07 6.79 -23.44
N LYS C 324 -0.91 7.49 -24.21
CA LYS C 324 -0.87 8.94 -24.23
C LYS C 324 -1.53 9.55 -23.01
N VAL C 325 -2.59 8.90 -22.51
CA VAL C 325 -3.30 9.41 -21.34
C VAL C 325 -3.68 8.33 -20.32
N VAL C 326 -3.59 8.71 -19.04
CA VAL C 326 -3.94 7.84 -17.93
C VAL C 326 -4.87 8.64 -17.04
N VAL C 327 -6.10 8.16 -16.90
CA VAL C 327 -7.10 8.80 -16.05
C VAL C 327 -7.16 7.98 -14.78
N ALA C 328 -6.75 8.57 -13.67
CA ALA C 328 -6.70 7.84 -12.43
C ALA C 328 -7.43 8.43 -11.25
N THR C 329 -7.50 7.61 -10.20
CA THR C 329 -8.13 7.94 -8.93
C THR C 329 -6.99 8.16 -7.93
N PRO C 330 -7.29 8.23 -6.63
CA PRO C 330 -6.24 8.45 -5.62
C PRO C 330 -5.08 7.43 -5.59
N THR C 331 -5.16 6.41 -6.46
CA THR C 331 -4.15 5.36 -6.55
C THR C 331 -2.71 5.78 -6.85
N LEU C 332 -2.47 6.17 -8.10
CA LEU C 332 -1.14 6.59 -8.51
C LEU C 332 -0.85 8.03 -8.17
N ALA C 333 -1.67 8.59 -7.28
CA ALA C 333 -1.49 9.97 -6.85
C ALA C 333 -0.16 9.99 -6.09
N ALA C 334 -0.02 9.08 -5.13
CA ALA C 334 1.19 8.98 -4.33
C ALA C 334 1.78 7.58 -4.37
N GLY C 335 1.57 6.89 -5.48
CA GLY C 335 2.07 5.53 -5.58
C GLY C 335 3.43 5.42 -6.23
N VAL C 336 3.41 5.23 -7.54
CA VAL C 336 4.64 5.07 -8.30
C VAL C 336 4.94 6.28 -9.14
N ASN C 337 6.23 6.46 -9.44
CA ASN C 337 6.70 7.58 -10.23
C ASN C 337 6.22 7.53 -11.68
N LEU C 338 5.23 8.37 -12.00
CA LEU C 338 4.70 8.46 -13.36
C LEU C 338 4.74 9.92 -13.78
N PRO C 339 5.82 10.33 -14.47
CA PRO C 339 5.96 11.70 -14.93
C PRO C 339 5.08 11.98 -16.15
N ALA C 340 4.77 13.25 -16.34
CA ALA C 340 3.93 13.71 -17.44
C ALA C 340 3.98 15.24 -17.48
N ARG C 341 4.02 15.80 -18.68
CA ARG C 341 4.07 17.26 -18.80
C ARG C 341 2.81 17.90 -18.19
N ARG C 342 1.67 17.31 -18.51
CA ARG C 342 0.38 17.80 -18.05
C ARG C 342 -0.22 16.96 -16.92
N VAL C 343 -1.06 17.61 -16.13
CA VAL C 343 -1.75 16.96 -15.03
C VAL C 343 -3.04 17.74 -14.88
N ILE C 344 -4.15 17.01 -14.77
CA ILE C 344 -5.44 17.66 -14.62
C ILE C 344 -6.28 17.14 -13.47
N VAL C 345 -6.60 18.02 -12.53
CA VAL C 345 -7.44 17.65 -11.44
C VAL C 345 -8.83 18.04 -11.94
N ARG C 346 -9.73 17.07 -12.01
CA ARG C 346 -11.09 17.32 -12.48
C ARG C 346 -12.02 17.82 -11.39
N SER C 347 -11.58 17.68 -10.15
CA SER C 347 -12.39 18.11 -9.01
C SER C 347 -11.59 18.22 -7.73
N LEU C 348 -11.94 19.20 -6.91
CA LEU C 348 -11.27 19.43 -5.63
C LEU C 348 -11.96 18.64 -4.53
N TYR C 349 -13.12 18.07 -4.86
CA TYR C 349 -13.91 17.31 -3.91
C TYR C 349 -13.68 15.81 -3.94
N ARG C 350 -14.30 15.13 -2.98
CA ARG C 350 -14.20 13.68 -2.87
C ARG C 350 -15.13 13.24 -1.78
N PHE C 351 -15.74 12.07 -1.96
CA PHE C 351 -16.65 11.58 -0.94
C PHE C 351 -15.91 11.01 0.24
N ASP C 352 -16.16 11.61 1.39
CA ASP C 352 -15.56 11.21 2.66
C ASP C 352 -16.58 11.71 3.68
N GLY C 353 -17.71 11.02 3.76
CA GLY C 353 -18.77 11.45 4.65
C GLY C 353 -19.71 12.17 3.71
N TYR C 354 -19.17 13.18 3.03
CA TYR C 354 -19.92 13.97 2.06
C TYR C 354 -18.89 14.47 1.05
N SER C 355 -19.35 15.11 -0.02
CA SER C 355 -18.41 15.65 -1.01
C SER C 355 -17.66 16.72 -0.23
N LYS C 356 -16.36 16.51 -0.10
CA LYS C 356 -15.50 17.37 0.69
C LYS C 356 -14.21 17.64 -0.08
N ARG C 357 -13.70 18.88 -0.02
CA ARG C 357 -12.48 19.22 -0.74
C ARG C 357 -11.29 18.52 -0.14
N ILE C 358 -10.40 18.02 -0.99
CA ILE C 358 -9.21 17.33 -0.53
C ILE C 358 -8.22 18.32 0.07
N LYS C 359 -7.33 17.81 0.91
CA LYS C 359 -6.32 18.65 1.55
C LYS C 359 -5.45 19.31 0.48
N VAL C 360 -5.04 20.55 0.73
CA VAL C 360 -4.16 21.26 -0.20
C VAL C 360 -3.01 20.31 -0.55
N SER C 361 -2.51 19.61 0.47
CA SER C 361 -1.42 18.65 0.35
C SER C 361 -1.72 17.67 -0.78
N GLU C 362 -2.93 17.13 -0.76
CA GLU C 362 -3.35 16.19 -1.76
C GLU C 362 -3.21 16.77 -3.15
N TYR C 363 -3.70 17.99 -3.35
CA TYR C 363 -3.61 18.65 -4.64
C TYR C 363 -2.16 18.92 -5.01
N LYS C 364 -1.44 19.55 -4.10
CA LYS C 364 -0.04 19.87 -4.35
C LYS C 364 0.73 18.62 -4.67
N GLN C 365 0.30 17.51 -4.10
CA GLN C 365 0.96 16.22 -4.30
C GLN C 365 0.58 15.58 -5.63
N MET C 366 -0.51 16.04 -6.24
CA MET C 366 -0.94 15.52 -7.53
C MET C 366 -0.21 16.31 -8.62
N ALA C 367 -0.28 17.64 -8.50
CA ALA C 367 0.33 18.56 -9.45
C ALA C 367 1.85 18.40 -9.49
N GLY C 368 2.42 17.91 -8.39
CA GLY C 368 3.86 17.73 -8.32
C GLY C 368 4.42 16.71 -9.30
N ARG C 369 3.55 15.93 -9.93
CA ARG C 369 3.98 14.92 -10.89
C ARG C 369 4.04 15.55 -12.26
N ALA C 370 3.54 16.78 -12.35
CA ALA C 370 3.52 17.50 -13.60
C ALA C 370 4.93 18.02 -13.86
N GLY C 371 5.53 17.56 -14.96
CA GLY C 371 6.86 18.00 -15.30
C GLY C 371 7.83 16.84 -15.38
N ARG C 372 8.19 16.48 -16.62
CA ARG C 372 9.12 15.40 -16.88
C ARG C 372 10.55 15.89 -16.78
N PRO C 373 11.32 15.40 -15.80
CA PRO C 373 12.71 15.83 -15.66
C PRO C 373 13.58 15.30 -16.80
N GLY C 374 14.02 16.21 -17.66
CA GLY C 374 14.85 15.85 -18.79
C GLY C 374 14.11 15.78 -20.12
N MET C 375 12.90 16.31 -20.18
CA MET C 375 12.11 16.28 -21.41
C MET C 375 11.27 17.53 -21.62
N ASP C 376 10.75 18.09 -20.54
CA ASP C 376 9.92 19.27 -20.62
C ASP C 376 10.65 20.46 -20.01
N GLU C 377 10.46 21.63 -20.58
CA GLU C 377 11.10 22.83 -20.08
C GLU C 377 10.21 23.42 -18.99
N ARG C 378 9.07 22.78 -18.78
CA ARG C 378 8.10 23.25 -17.79
C ARG C 378 6.97 22.23 -17.60
N GLY C 379 6.42 22.16 -16.39
CA GLY C 379 5.33 21.24 -16.13
C GLY C 379 4.04 22.01 -15.85
N GLU C 380 2.92 21.48 -16.32
CA GLU C 380 1.62 22.12 -16.12
C GLU C 380 0.69 21.33 -15.22
N ALA C 381 -0.08 22.03 -14.40
CA ALA C 381 -1.04 21.40 -13.50
C ALA C 381 -2.29 22.26 -13.53
N ILE C 382 -3.32 21.79 -14.21
CA ILE C 382 -4.57 22.53 -14.31
C ILE C 382 -5.66 22.04 -13.35
N ILE C 383 -6.34 22.98 -12.69
CA ILE C 383 -7.43 22.63 -11.79
C ILE C 383 -8.73 23.04 -12.45
N ILE C 384 -9.61 22.08 -12.69
CA ILE C 384 -10.89 22.38 -13.32
C ILE C 384 -11.93 22.68 -12.24
N VAL C 385 -12.32 23.93 -12.11
CA VAL C 385 -13.30 24.32 -11.10
C VAL C 385 -14.36 25.24 -11.70
N GLY C 386 -15.50 25.36 -11.02
CA GLY C 386 -16.55 26.21 -11.50
C GLY C 386 -16.65 27.52 -10.73
N LYS C 387 -17.47 28.43 -11.25
CA LYS C 387 -17.70 29.73 -10.62
C LYS C 387 -17.43 29.73 -9.10
N ARG C 388 -18.14 28.86 -8.39
CA ARG C 388 -18.06 28.74 -6.93
C ARG C 388 -16.69 28.77 -6.25
N ASP C 389 -15.85 27.77 -6.51
CA ASP C 389 -14.55 27.67 -5.84
C ASP C 389 -13.34 28.25 -6.55
N ARG C 390 -13.54 28.87 -7.70
CA ARG C 390 -12.42 29.44 -8.45
C ARG C 390 -11.43 30.16 -7.53
N GLU C 391 -11.95 30.99 -6.63
CA GLU C 391 -11.11 31.75 -5.71
C GLU C 391 -10.37 30.85 -4.72
N ILE C 392 -11.05 29.84 -4.20
CA ILE C 392 -10.42 28.92 -3.26
C ILE C 392 -9.30 28.21 -4.02
N ALA C 393 -9.62 27.81 -5.25
CA ALA C 393 -8.67 27.10 -6.11
C ALA C 393 -7.39 27.90 -6.29
N VAL C 394 -7.56 29.15 -6.70
CA VAL C 394 -6.44 30.03 -6.92
C VAL C 394 -5.77 30.45 -5.63
N LYS C 395 -6.54 31.07 -4.72
CA LYS C 395 -5.96 31.55 -3.48
C LYS C 395 -5.54 30.51 -2.42
N ARG C 396 -6.41 29.56 -2.12
CA ARG C 396 -6.13 28.53 -1.12
C ARG C 396 -5.37 27.29 -1.65
N TYR C 397 -5.50 27.02 -2.95
CA TYR C 397 -4.83 25.86 -3.55
C TYR C 397 -3.61 26.14 -4.40
N ILE C 398 -3.81 26.84 -5.53
CA ILE C 398 -2.71 27.18 -6.45
C ILE C 398 -1.61 28.01 -5.79
N PHE C 399 -2.01 28.87 -4.86
CA PHE C 399 -1.09 29.74 -4.14
C PHE C 399 -1.08 29.51 -2.62
N GLY C 400 -1.95 28.64 -2.15
CA GLY C 400 -1.98 28.37 -0.73
C GLY C 400 -0.84 27.47 -0.27
N GLU C 401 -0.76 27.27 1.03
CA GLU C 401 0.27 26.42 1.60
C GLU C 401 -0.36 25.14 2.10
N PRO C 402 0.37 24.03 2.04
CA PRO C 402 -0.09 22.70 2.49
C PRO C 402 -0.38 22.71 3.98
N GLU C 403 -1.39 21.95 4.41
CA GLU C 403 -1.72 21.89 5.82
C GLU C 403 -0.60 21.32 6.66
N ARG C 404 -0.59 21.74 7.90
CA ARG C 404 0.38 21.32 8.86
C ARG C 404 0.17 19.82 9.20
N ILE C 405 1.27 19.08 9.26
CA ILE C 405 1.26 17.66 9.57
C ILE C 405 0.86 17.50 11.03
N THR C 406 -0.29 16.90 11.25
CA THR C 406 -0.82 16.69 12.59
C THR C 406 -0.80 15.21 12.98
N SER C 407 -0.27 14.91 14.15
CA SER C 407 -0.23 13.53 14.63
C SER C 407 -1.64 12.99 14.82
N LYS C 408 -1.79 11.68 14.67
CA LYS C 408 -3.10 11.05 14.82
C LYS C 408 -3.08 9.86 15.77
N LEU C 409 -1.96 9.69 16.46
CA LEU C 409 -1.81 8.60 17.41
C LEU C 409 -2.80 8.63 18.59
N GLY C 410 -3.33 9.80 18.92
CA GLY C 410 -4.25 9.92 20.04
C GLY C 410 -5.64 9.33 19.88
N VAL C 411 -5.72 8.05 19.53
CA VAL C 411 -7.00 7.41 19.35
C VAL C 411 -7.05 6.06 20.09
N GLU C 412 -8.23 5.71 20.62
CA GLU C 412 -8.42 4.48 21.35
C GLU C 412 -7.83 3.30 20.60
N THR C 413 -8.38 3.06 19.40
CA THR C 413 -7.94 1.97 18.57
C THR C 413 -6.43 1.89 18.44
N HIS C 414 -5.82 2.94 17.90
CA HIS C 414 -4.37 2.99 17.72
C HIS C 414 -3.57 2.85 19.01
N LEU C 415 -4.07 3.43 20.10
CA LEU C 415 -3.36 3.32 21.36
C LEU C 415 -3.40 1.86 21.78
N ARG C 416 -4.60 1.29 21.71
CA ARG C 416 -4.79 -0.10 22.08
C ARG C 416 -3.93 -1.05 21.24
N PHE C 417 -4.02 -0.89 19.93
CA PHE C 417 -3.27 -1.72 19.01
C PHE C 417 -1.78 -1.71 19.28
N HIS C 418 -1.23 -0.52 19.52
CA HIS C 418 0.20 -0.42 19.75
C HIS C 418 0.64 -0.74 21.16
N SER C 419 -0.15 -0.34 22.15
CA SER C 419 0.19 -0.64 23.54
C SER C 419 0.46 -2.13 23.70
N LEU C 420 -0.47 -2.98 23.24
CA LEU C 420 -0.26 -4.42 23.38
C LEU C 420 1.14 -4.80 22.91
N SER C 421 1.47 -4.34 21.71
CA SER C 421 2.77 -4.60 21.10
C SER C 421 3.92 -4.13 21.99
N ILE C 422 3.83 -2.89 22.46
CA ILE C 422 4.85 -2.32 23.33
C ILE C 422 5.01 -3.18 24.58
N ILE C 423 3.89 -3.66 25.13
CA ILE C 423 3.92 -4.50 26.32
C ILE C 423 4.56 -5.88 26.03
N CYS C 424 4.27 -6.44 24.85
CA CYS C 424 4.80 -7.74 24.44
C CYS C 424 6.28 -7.73 24.12
N ASP C 425 6.72 -6.66 23.45
CA ASP C 425 8.10 -6.50 23.04
C ASP C 425 9.03 -6.08 24.17
N GLY C 426 8.47 -5.76 25.34
CA GLY C 426 9.27 -5.40 26.50
C GLY C 426 9.52 -3.94 26.85
N TYR C 427 9.09 -3.02 26.00
CA TYR C 427 9.29 -1.60 26.25
C TYR C 427 8.56 -1.07 27.50
N ALA C 428 7.38 -1.60 27.80
CA ALA C 428 6.66 -1.15 28.98
C ALA C 428 6.49 -2.34 29.91
N LYS C 429 6.11 -2.10 31.14
CA LYS C 429 5.94 -3.19 32.08
C LYS C 429 5.14 -2.66 33.25
N THR C 430 4.68 -1.43 33.10
CA THR C 430 3.87 -0.74 34.09
C THR C 430 3.21 0.41 33.35
N LEU C 431 2.00 0.76 33.77
CA LEU C 431 1.26 1.85 33.14
C LEU C 431 2.14 3.10 33.10
N GLU C 432 3.18 3.09 33.92
CA GLU C 432 4.13 4.19 34.07
C GLU C 432 5.14 4.28 32.93
N GLU C 433 5.80 3.18 32.62
CA GLU C 433 6.76 3.14 31.53
C GLU C 433 5.98 3.25 30.22
N LEU C 434 4.76 2.73 30.24
CA LEU C 434 3.92 2.78 29.07
C LEU C 434 3.72 4.22 28.66
N GLU C 435 3.64 5.14 29.64
CA GLU C 435 3.45 6.57 29.34
C GLU C 435 4.76 7.22 28.91
N ASP C 436 5.88 6.75 29.49
CA ASP C 436 7.18 7.30 29.12
C ASP C 436 7.36 6.99 27.66
N PHE C 437 6.95 5.80 27.26
CA PHE C 437 7.07 5.40 25.86
C PHE C 437 6.31 6.40 24.98
N PHE C 438 5.03 6.62 25.29
CA PHE C 438 4.23 7.55 24.50
C PHE C 438 4.69 9.01 24.63
N ALA C 439 5.69 9.23 25.47
CA ALA C 439 6.22 10.56 25.67
C ALA C 439 7.21 10.92 24.57
N ASP C 440 7.80 9.89 23.93
CA ASP C 440 8.77 10.13 22.85
C ASP C 440 8.07 10.16 21.50
N THR C 441 6.75 10.17 21.56
CA THR C 441 5.90 10.18 20.37
C THR C 441 5.88 11.53 19.69
N PHE C 442 5.47 11.54 18.42
CA PHE C 442 5.34 12.77 17.69
C PHE C 442 4.00 13.36 18.08
N PHE C 443 3.29 12.68 18.97
CA PHE C 443 2.00 13.16 19.43
C PHE C 443 2.28 13.99 20.66
N PHE C 444 3.23 13.52 21.46
CA PHE C 444 3.57 14.23 22.68
C PHE C 444 4.29 15.51 22.34
N LYS C 445 5.36 15.39 21.57
CA LYS C 445 6.14 16.55 21.18
C LYS C 445 5.26 17.54 20.41
N GLN C 446 3.99 17.24 20.30
CA GLN C 446 3.08 18.11 19.58
C GLN C 446 1.94 18.58 20.46
N ASN C 447 1.77 17.95 21.62
CA ASN C 447 0.69 18.33 22.53
C ASN C 447 1.05 18.37 24.01
N GLU C 448 2.23 17.90 24.38
CA GLU C 448 2.60 17.90 25.77
C GLU C 448 1.46 17.38 26.68
N ILE C 449 0.49 16.69 26.09
CA ILE C 449 -0.65 16.12 26.81
C ILE C 449 -0.26 14.83 27.52
N SER C 450 -0.98 14.44 28.56
CA SER C 450 -0.70 13.20 29.27
C SER C 450 -1.76 12.25 28.76
N LEU C 451 -1.45 10.96 28.67
CA LEU C 451 -2.42 9.98 28.16
C LEU C 451 -2.79 8.89 29.16
N SER C 452 -2.58 9.15 30.44
CA SER C 452 -2.86 8.18 31.48
C SER C 452 -4.28 7.65 31.46
N TYR C 453 -5.25 8.54 31.27
CA TYR C 453 -6.64 8.12 31.26
C TYR C 453 -6.89 7.04 30.23
N GLU C 454 -6.67 7.39 28.96
CA GLU C 454 -6.89 6.45 27.87
C GLU C 454 -5.92 5.26 27.89
N LEU C 455 -4.66 5.52 28.14
CA LEU C 455 -3.70 4.44 28.20
C LEU C 455 -4.07 3.39 29.25
N GLU C 456 -4.63 3.84 30.36
CA GLU C 456 -5.01 2.93 31.43
C GLU C 456 -6.29 2.25 31.00
N ARG C 457 -7.08 2.98 30.23
CA ARG C 457 -8.34 2.49 29.69
C ARG C 457 -8.00 1.38 28.71
N VAL C 458 -7.23 1.74 27.69
CA VAL C 458 -6.76 0.82 26.66
C VAL C 458 -6.19 -0.43 27.32
N VAL C 459 -5.28 -0.26 28.27
CA VAL C 459 -4.71 -1.42 28.92
C VAL C 459 -5.76 -2.26 29.66
N ARG C 460 -6.77 -1.63 30.26
CA ARG C 460 -7.82 -2.39 30.95
C ARG C 460 -8.59 -3.22 29.92
N GLN C 461 -8.80 -2.64 28.74
CA GLN C 461 -9.50 -3.33 27.68
C GLN C 461 -8.78 -4.64 27.41
N LEU C 462 -7.49 -4.53 27.10
CA LEU C 462 -6.66 -5.69 26.82
C LEU C 462 -6.68 -6.66 27.98
N GLU C 463 -6.94 -6.14 29.18
CA GLU C 463 -6.97 -6.97 30.38
C GLU C 463 -8.18 -7.90 30.36
N ASN C 464 -9.33 -7.35 30.01
CA ASN C 464 -10.54 -8.15 29.94
C ASN C 464 -10.37 -9.21 28.87
N TRP C 465 -10.00 -8.75 27.68
CA TRP C 465 -9.79 -9.63 26.54
C TRP C 465 -8.69 -10.63 26.80
N GLY C 466 -8.10 -10.60 27.98
CA GLY C 466 -7.07 -11.56 28.30
C GLY C 466 -5.81 -11.59 27.47
N MET C 467 -5.40 -10.43 26.95
CA MET C 467 -4.19 -10.33 26.15
C MET C 467 -3.04 -9.87 27.06
N VAL C 468 -3.41 -9.23 28.17
CA VAL C 468 -2.46 -8.72 29.17
C VAL C 468 -2.96 -9.02 30.58
N VAL C 469 -2.04 -9.42 31.46
CA VAL C 469 -2.36 -9.70 32.86
C VAL C 469 -1.51 -8.83 33.78
N GLU C 470 -2.05 -8.50 34.95
CA GLU C 470 -1.35 -7.69 35.93
C GLU C 470 -1.03 -8.55 37.18
N ALA C 471 0.13 -9.19 37.19
CA ALA C 471 0.53 -10.04 38.32
C ALA C 471 1.29 -9.23 39.39
N ALA C 472 2.25 -8.44 38.92
CA ALA C 472 3.07 -7.58 39.76
C ALA C 472 3.33 -6.34 38.91
N HIS C 473 3.17 -6.54 37.61
CA HIS C 473 3.37 -5.51 36.59
C HIS C 473 2.68 -5.99 35.30
N LEU C 474 2.58 -5.13 34.30
CA LEU C 474 1.93 -5.49 33.04
C LEU C 474 2.70 -6.55 32.28
N ALA C 475 2.00 -7.60 31.87
CA ALA C 475 2.64 -8.70 31.14
C ALA C 475 1.65 -9.35 30.18
N PRO C 476 2.13 -9.74 29.00
CA PRO C 476 1.22 -10.37 28.03
C PRO C 476 0.90 -11.86 28.30
N THR C 477 -0.28 -12.28 27.86
CA THR C 477 -0.74 -13.68 27.98
C THR C 477 -0.33 -14.35 26.67
N LYS C 478 -0.41 -15.68 26.61
CA LYS C 478 -0.03 -16.36 25.37
C LYS C 478 -0.84 -15.80 24.21
N LEU C 479 -2.10 -15.49 24.48
CA LEU C 479 -3.00 -14.96 23.46
C LEU C 479 -2.50 -13.60 22.98
N GLY C 480 -2.17 -12.73 23.92
CA GLY C 480 -1.68 -11.42 23.55
C GLY C 480 -0.40 -11.45 22.71
N SER C 481 0.58 -12.22 23.14
CA SER C 481 1.83 -12.30 22.39
C SER C 481 1.53 -12.82 20.99
N LEU C 482 0.57 -13.75 20.90
CA LEU C 482 0.16 -14.33 19.63
C LEU C 482 -0.56 -13.29 18.79
N VAL C 483 -1.47 -12.53 19.41
CA VAL C 483 -2.20 -11.49 18.69
C VAL C 483 -1.25 -10.38 18.20
N SER C 484 -0.21 -10.09 18.98
CA SER C 484 0.73 -9.05 18.56
C SER C 484 1.59 -9.53 17.42
N ARG C 485 2.12 -10.74 17.57
CA ARG C 485 2.99 -11.35 16.56
C ARG C 485 2.22 -11.49 15.24
N LEU C 486 0.92 -11.69 15.35
CA LEU C 486 0.05 -11.87 14.22
C LEU C 486 -0.32 -10.54 13.56
N TYR C 487 0.08 -9.45 14.19
CA TYR C 487 -0.16 -8.09 13.70
C TYR C 487 -1.61 -7.78 13.39
N ILE C 488 -2.53 -8.24 14.22
CA ILE C 488 -3.97 -7.98 13.99
C ILE C 488 -4.53 -7.10 15.08
N ASP C 489 -5.64 -6.44 14.80
CA ASP C 489 -6.26 -5.59 15.80
C ASP C 489 -6.66 -6.44 16.99
N PRO C 490 -6.30 -6.00 18.21
CA PRO C 490 -6.68 -6.81 19.37
C PRO C 490 -8.18 -7.15 19.41
N LEU C 491 -9.02 -6.27 18.88
CA LEU C 491 -10.46 -6.55 18.84
C LEU C 491 -10.69 -7.71 17.88
N THR C 492 -9.94 -7.72 16.78
CA THR C 492 -10.05 -8.80 15.81
C THR C 492 -9.78 -10.13 16.51
N GLY C 493 -8.64 -10.18 17.21
CA GLY C 493 -8.24 -11.38 17.92
C GLY C 493 -9.17 -11.74 19.06
N PHE C 494 -9.85 -10.75 19.61
CA PHE C 494 -10.75 -11.09 20.68
C PHE C 494 -12.01 -11.71 20.09
N ILE C 495 -12.54 -11.13 19.02
CA ILE C 495 -13.73 -11.70 18.41
C ILE C 495 -13.43 -13.17 18.10
N PHE C 496 -12.29 -13.43 17.46
CA PHE C 496 -11.91 -14.80 17.13
C PHE C 496 -11.85 -15.64 18.40
N HIS C 497 -10.94 -15.32 19.30
CA HIS C 497 -10.79 -16.10 20.51
C HIS C 497 -12.09 -16.35 21.28
N ASP C 498 -12.94 -15.35 21.38
CA ASP C 498 -14.18 -15.48 22.11
C ASP C 498 -15.11 -16.46 21.44
N VAL C 499 -15.55 -16.13 20.22
CA VAL C 499 -16.43 -17.00 19.43
C VAL C 499 -15.89 -18.44 19.27
N LEU C 500 -14.64 -18.58 18.87
CA LEU C 500 -14.07 -19.89 18.64
C LEU C 500 -13.83 -20.74 19.86
N SER C 501 -14.08 -20.21 21.05
CA SER C 501 -13.85 -21.01 22.25
C SER C 501 -15.18 -21.40 22.85
N ARG C 502 -16.26 -20.97 22.18
CA ARG C 502 -17.63 -21.23 22.61
C ARG C 502 -18.43 -22.02 21.57
N MET C 503 -17.90 -22.19 20.38
CA MET C 503 -18.64 -22.90 19.34
C MET C 503 -17.74 -23.19 18.17
N GLU C 504 -18.15 -24.15 17.33
CA GLU C 504 -17.35 -24.42 16.14
C GLU C 504 -18.15 -23.92 14.95
N LEU C 505 -17.47 -23.56 13.88
CA LEU C 505 -18.16 -22.98 12.74
C LEU C 505 -18.00 -23.72 11.44
N SER C 506 -18.95 -23.52 10.55
CA SER C 506 -18.92 -24.15 9.26
C SER C 506 -18.07 -23.29 8.35
N ASP C 507 -18.36 -23.34 7.04
CA ASP C 507 -17.66 -22.55 6.05
C ASP C 507 -17.99 -21.09 6.24
N ILE C 508 -19.22 -20.69 5.88
CA ILE C 508 -19.65 -19.30 6.00
C ILE C 508 -19.56 -18.83 7.44
N GLY C 509 -19.85 -19.75 8.37
CA GLY C 509 -19.78 -19.40 9.77
C GLY C 509 -18.44 -18.80 10.11
N ALA C 510 -17.37 -19.53 9.83
CA ALA C 510 -16.02 -19.04 10.09
C ALA C 510 -15.65 -17.92 9.13
N LEU C 511 -16.21 -17.94 7.93
CA LEU C 511 -15.91 -16.89 6.97
C LEU C 511 -16.49 -15.62 7.52
N HIS C 512 -17.77 -15.66 7.82
CA HIS C 512 -18.47 -14.51 8.37
C HIS C 512 -17.75 -14.05 9.63
N LEU C 513 -17.27 -14.98 10.43
CA LEU C 513 -16.55 -14.59 11.63
C LEU C 513 -15.45 -13.63 11.23
N ILE C 514 -14.78 -13.92 10.12
CA ILE C 514 -13.68 -13.08 9.62
C ILE C 514 -14.22 -11.71 9.20
N CYS C 515 -15.36 -11.68 8.55
CA CYS C 515 -15.96 -10.43 8.14
C CYS C 515 -16.59 -9.60 9.27
N ARG C 516 -16.56 -10.11 10.51
CA ARG C 516 -17.12 -9.37 11.65
C ARG C 516 -16.03 -8.47 12.20
N THR C 517 -14.81 -9.01 12.15
CA THR C 517 -13.55 -8.41 12.58
C THR C 517 -13.29 -7.03 11.95
N PRO C 518 -12.71 -6.10 12.72
CA PRO C 518 -12.43 -4.75 12.21
C PRO C 518 -11.37 -4.70 11.10
N ASP C 519 -10.42 -5.63 11.14
CA ASP C 519 -9.35 -5.73 10.16
C ASP C 519 -9.84 -6.15 8.75
N MET C 520 -11.06 -6.68 8.65
CA MET C 520 -11.54 -7.12 7.35
C MET C 520 -12.17 -6.02 6.53
N GLU C 521 -12.08 -6.16 5.20
CA GLU C 521 -12.68 -5.20 4.28
C GLU C 521 -14.06 -5.78 4.03
N ARG C 522 -15.11 -4.95 4.00
CA ARG C 522 -16.45 -5.47 3.75
C ARG C 522 -17.03 -4.91 2.48
N LEU C 523 -17.81 -5.71 1.78
CA LEU C 523 -18.45 -5.28 0.56
C LEU C 523 -19.64 -4.38 0.87
N THR C 524 -20.00 -3.55 -0.08
CA THR C 524 -21.11 -2.63 0.08
C THR C 524 -22.42 -3.27 -0.34
N VAL C 525 -23.44 -3.17 0.51
CA VAL C 525 -24.73 -3.71 0.13
C VAL C 525 -25.43 -2.58 -0.60
N ARG C 526 -26.09 -2.92 -1.70
CA ARG C 526 -26.78 -1.94 -2.54
C ARG C 526 -28.27 -2.24 -2.63
N LYS C 527 -28.98 -1.40 -3.40
CA LYS C 527 -30.42 -1.52 -3.62
C LYS C 527 -30.84 -2.92 -3.98
N THR C 528 -30.06 -3.51 -4.89
CA THR C 528 -30.32 -4.83 -5.42
C THR C 528 -29.90 -6.10 -4.68
N ASP C 529 -29.05 -5.97 -3.66
CA ASP C 529 -28.60 -7.15 -2.91
C ASP C 529 -29.66 -7.67 -1.93
N SER C 530 -30.90 -7.71 -2.39
CA SER C 530 -32.04 -8.19 -1.60
C SER C 530 -31.87 -9.68 -1.26
N TRP C 531 -31.13 -10.37 -2.13
CA TRP C 531 -30.84 -11.79 -1.99
C TRP C 531 -29.85 -12.08 -0.88
N VAL C 532 -29.17 -11.06 -0.39
CA VAL C 532 -28.21 -11.25 0.68
C VAL C 532 -28.99 -11.45 1.97
N GLU C 533 -30.10 -10.73 2.08
CA GLU C 533 -30.91 -10.82 3.28
C GLU C 533 -31.47 -12.22 3.43
N GLU C 534 -32.14 -12.68 2.37
CA GLU C 534 -32.74 -14.01 2.37
C GLU C 534 -31.66 -15.05 2.63
N GLU C 535 -30.53 -14.91 1.96
CA GLU C 535 -29.44 -15.84 2.10
C GLU C 535 -28.91 -15.89 3.51
N ALA C 536 -28.87 -14.75 4.17
CA ALA C 536 -28.38 -14.69 5.54
C ALA C 536 -29.39 -15.33 6.46
N PHE C 537 -30.68 -15.10 6.20
CA PHE C 537 -31.73 -15.70 7.03
C PHE C 537 -31.59 -17.22 7.04
N ARG C 538 -31.43 -17.78 5.86
CA ARG C 538 -31.26 -19.21 5.68
C ARG C 538 -30.06 -19.72 6.46
N LEU C 539 -28.92 -19.07 6.28
CA LEU C 539 -27.70 -19.49 6.96
C LEU C 539 -27.65 -19.12 8.44
N ARG C 540 -28.64 -18.36 8.89
CA ARG C 540 -28.68 -17.89 10.25
C ARG C 540 -28.26 -18.82 11.38
N LYS C 541 -28.57 -20.10 11.32
CA LYS C 541 -28.16 -21.01 12.40
C LYS C 541 -26.69 -21.39 12.32
N GLU C 542 -26.05 -21.00 11.23
CA GLU C 542 -24.64 -21.27 11.01
C GLU C 542 -23.76 -20.06 11.27
N LEU C 543 -24.39 -18.94 11.61
CA LEU C 543 -23.66 -17.72 11.87
C LEU C 543 -23.40 -17.60 13.36
N SER C 544 -22.32 -16.90 13.74
CA SER C 544 -22.01 -16.75 15.15
C SER C 544 -22.93 -15.78 15.89
N TYR C 545 -23.84 -15.15 15.17
CA TYR C 545 -24.81 -14.24 15.80
C TYR C 545 -25.78 -13.88 14.69
N TYR C 546 -26.96 -13.41 15.06
CA TYR C 546 -27.98 -13.04 14.09
C TYR C 546 -28.87 -11.91 14.66
N PRO C 547 -28.69 -10.67 14.14
CA PRO C 547 -29.41 -9.45 14.52
C PRO C 547 -30.85 -9.44 14.08
N SER C 548 -31.58 -8.45 14.58
CA SER C 548 -32.98 -8.28 14.24
C SER C 548 -33.08 -7.41 13.01
N ASP C 549 -34.13 -7.57 12.20
CA ASP C 549 -34.30 -6.72 11.02
C ASP C 549 -34.33 -5.28 11.54
N PHE C 550 -34.89 -5.13 12.73
CA PHE C 550 -35.03 -3.84 13.38
C PHE C 550 -33.77 -3.27 13.97
N SER C 551 -32.78 -4.11 14.22
CA SER C 551 -31.52 -3.65 14.79
C SER C 551 -31.01 -2.49 13.96
N VAL C 552 -30.40 -1.50 14.62
CA VAL C 552 -29.83 -0.37 13.89
C VAL C 552 -28.48 -0.87 13.36
N GLU C 553 -28.25 -2.16 13.53
CA GLU C 553 -27.00 -2.73 13.09
C GLU C 553 -27.21 -3.83 12.08
N TYR C 554 -28.46 -4.03 11.69
CA TYR C 554 -28.79 -5.06 10.73
C TYR C 554 -28.02 -4.87 9.42
N ASP C 555 -27.92 -3.62 8.98
CA ASP C 555 -27.24 -3.28 7.74
C ASP C 555 -25.73 -3.48 7.79
N TRP C 556 -25.15 -3.42 8.99
CA TRP C 556 -23.73 -3.61 9.10
C TRP C 556 -23.53 -5.11 9.02
N PHE C 557 -24.58 -5.82 9.45
CA PHE C 557 -24.59 -7.27 9.49
C PHE C 557 -24.66 -7.86 8.09
N LEU C 558 -25.50 -7.25 7.25
CA LEU C 558 -25.67 -7.71 5.89
C LEU C 558 -24.42 -7.46 5.07
N SER C 559 -23.66 -6.48 5.51
CA SER C 559 -22.43 -6.11 4.86
C SER C 559 -21.39 -7.19 5.14
N GLU C 560 -21.46 -7.73 6.34
CA GLU C 560 -20.54 -8.79 6.77
C GLU C 560 -20.90 -10.04 5.97
N VAL C 561 -22.19 -10.31 5.90
CA VAL C 561 -22.68 -11.48 5.20
C VAL C 561 -22.35 -11.43 3.72
N LYS C 562 -22.67 -10.34 3.06
CA LYS C 562 -22.37 -10.23 1.65
C LYS C 562 -20.90 -10.52 1.41
N THR C 563 -20.03 -10.03 2.28
CA THR C 563 -18.61 -10.27 2.11
C THR C 563 -18.28 -11.75 2.26
N ALA C 564 -18.84 -12.39 3.27
CA ALA C 564 -18.58 -13.81 3.49
C ALA C 564 -19.16 -14.65 2.36
N LEU C 565 -20.38 -14.31 1.91
CA LEU C 565 -20.96 -15.04 0.82
C LEU C 565 -20.02 -15.00 -0.37
N CYS C 566 -19.40 -13.86 -0.61
CA CYS C 566 -18.47 -13.71 -1.73
C CYS C 566 -17.27 -14.61 -1.50
N LEU C 567 -16.78 -14.65 -0.28
CA LEU C 567 -15.66 -15.49 0.04
C LEU C 567 -16.06 -16.96 -0.08
N LYS C 568 -17.34 -17.23 0.16
CA LYS C 568 -17.86 -18.60 0.08
C LYS C 568 -17.81 -19.08 -1.38
N ASP C 569 -18.35 -18.27 -2.27
CA ASP C 569 -18.34 -18.58 -3.69
C ASP C 569 -16.91 -18.74 -4.22
N TRP C 570 -15.97 -18.08 -3.57
CA TRP C 570 -14.59 -18.14 -4.00
C TRP C 570 -13.99 -19.48 -3.61
N ILE C 571 -14.31 -19.98 -2.43
CA ILE C 571 -13.75 -21.26 -2.04
C ILE C 571 -14.62 -22.44 -2.49
N GLU C 572 -15.76 -22.16 -3.12
CA GLU C 572 -16.61 -23.23 -3.65
C GLU C 572 -16.38 -23.27 -5.16
N GLU C 573 -15.20 -22.78 -5.53
CA GLU C 573 -14.69 -22.73 -6.89
C GLU C 573 -15.48 -21.98 -7.95
N LYS C 574 -16.22 -20.95 -7.57
CA LYS C 574 -16.97 -20.21 -8.55
C LYS C 574 -16.04 -19.42 -9.48
N ASP C 575 -16.50 -19.17 -10.70
CA ASP C 575 -15.76 -18.40 -11.70
C ASP C 575 -15.45 -17.03 -11.12
N GLU C 576 -14.27 -16.50 -11.40
CA GLU C 576 -13.90 -15.18 -10.90
C GLU C 576 -14.80 -14.08 -11.40
N ASP C 577 -14.96 -13.97 -12.72
CA ASP C 577 -15.81 -12.93 -13.26
C ASP C 577 -17.25 -13.07 -12.82
N GLU C 578 -17.70 -14.31 -12.59
CA GLU C 578 -19.06 -14.51 -12.14
C GLU C 578 -19.17 -13.89 -10.76
N ILE C 579 -18.15 -14.12 -9.93
CA ILE C 579 -18.09 -13.55 -8.59
C ILE C 579 -18.15 -12.02 -8.73
N CYS C 580 -17.25 -11.48 -9.55
CA CYS C 580 -17.21 -10.04 -9.73
C CYS C 580 -18.53 -9.44 -10.21
N ALA C 581 -19.19 -10.06 -11.17
CA ALA C 581 -20.43 -9.47 -11.62
C ALA C 581 -21.53 -9.64 -10.59
N LYS C 582 -21.43 -10.70 -9.79
CA LYS C 582 -22.44 -10.97 -8.77
C LYS C 582 -22.42 -10.00 -7.61
N TYR C 583 -21.27 -9.78 -7.02
CA TYR C 583 -21.15 -8.88 -5.90
C TYR C 583 -20.82 -7.45 -6.26
N GLY C 584 -20.98 -7.11 -7.54
CA GLY C 584 -20.68 -5.76 -7.99
C GLY C 584 -19.30 -5.27 -7.64
N ILE C 585 -18.27 -6.08 -7.83
CA ILE C 585 -16.90 -5.66 -7.53
C ILE C 585 -15.95 -5.97 -8.70
N ALA C 586 -14.76 -5.39 -8.72
CA ALA C 586 -13.82 -5.64 -9.81
C ALA C 586 -12.70 -6.60 -9.40
N PRO C 587 -12.05 -7.24 -10.40
CA PRO C 587 -10.97 -8.19 -10.11
C PRO C 587 -9.95 -7.77 -9.06
N GLY C 588 -9.50 -6.52 -9.12
CA GLY C 588 -8.51 -6.08 -8.14
C GLY C 588 -9.11 -6.21 -6.75
N ASP C 589 -10.38 -5.84 -6.66
CA ASP C 589 -11.16 -5.90 -5.44
C ASP C 589 -11.20 -7.34 -4.92
N LEU C 590 -11.64 -8.26 -5.77
CA LEU C 590 -11.72 -9.66 -5.36
C LEU C 590 -10.37 -10.15 -4.84
N ARG C 591 -9.29 -9.93 -5.58
CA ARG C 591 -8.01 -10.41 -5.11
C ARG C 591 -7.62 -9.79 -3.80
N ARG C 592 -7.95 -8.51 -3.63
CA ARG C 592 -7.61 -7.80 -2.41
C ARG C 592 -8.36 -8.36 -1.21
N ILE C 593 -9.69 -8.47 -1.37
CA ILE C 593 -10.59 -9.01 -0.37
C ILE C 593 -10.07 -10.39 0.02
N VAL C 594 -9.90 -11.26 -0.98
CA VAL C 594 -9.40 -12.61 -0.80
C VAL C 594 -8.07 -12.65 -0.08
N GLU C 595 -7.12 -11.83 -0.54
CA GLU C 595 -5.82 -11.79 0.10
C GLU C 595 -5.91 -11.35 1.58
N THR C 596 -6.82 -10.44 1.89
CA THR C 596 -6.97 -9.95 3.26
C THR C 596 -7.53 -11.07 4.11
N ALA C 597 -8.57 -11.74 3.60
CA ALA C 597 -9.23 -12.84 4.29
C ALA C 597 -8.26 -13.99 4.63
N GLU C 598 -7.30 -14.27 3.76
CA GLU C 598 -6.35 -15.33 4.06
C GLU C 598 -5.50 -14.94 5.28
N TRP C 599 -4.97 -13.72 5.28
CA TRP C 599 -4.15 -13.25 6.41
C TRP C 599 -4.91 -13.39 7.72
N LEU C 600 -6.18 -12.98 7.71
CA LEU C 600 -7.01 -13.07 8.89
C LEU C 600 -7.38 -14.50 9.16
N SER C 601 -7.69 -15.26 8.10
CA SER C 601 -8.03 -16.67 8.27
C SER C 601 -6.89 -17.38 8.99
N ASN C 602 -5.67 -17.07 8.59
CA ASN C 602 -4.55 -17.67 9.24
C ASN C 602 -4.54 -17.35 10.74
N ALA C 603 -4.85 -16.11 11.10
CA ALA C 603 -4.85 -15.68 12.50
C ALA C 603 -6.00 -16.35 13.25
N MET C 604 -7.15 -16.41 12.60
CA MET C 604 -8.29 -17.04 13.23
C MET C 604 -7.92 -18.46 13.60
N ASN C 605 -7.22 -19.14 12.70
CA ASN C 605 -6.86 -20.52 12.95
C ASN C 605 -5.82 -20.72 14.05
N ARG C 606 -4.83 -19.84 14.13
CA ARG C 606 -3.84 -20.01 15.18
C ARG C 606 -4.48 -19.72 16.53
N ILE C 607 -5.41 -18.78 16.58
CA ILE C 607 -6.08 -18.49 17.83
C ILE C 607 -6.99 -19.67 18.14
N ALA C 608 -7.61 -20.23 17.10
CA ALA C 608 -8.50 -21.37 17.27
C ALA C 608 -7.80 -22.61 17.82
N GLU C 609 -6.58 -22.87 17.35
CA GLU C 609 -5.83 -24.03 17.80
C GLU C 609 -5.43 -23.92 19.25
N GLU C 610 -5.04 -22.73 19.66
CA GLU C 610 -4.63 -22.57 21.05
C GLU C 610 -5.78 -22.80 21.98
N VAL C 611 -6.99 -22.57 21.49
CA VAL C 611 -8.16 -22.75 22.33
C VAL C 611 -8.89 -24.08 22.11
N GLY C 612 -8.25 -25.02 21.41
CA GLY C 612 -8.84 -26.32 21.20
C GLY C 612 -9.77 -26.52 19.99
N ASN C 613 -10.40 -25.46 19.52
CA ASN C 613 -11.29 -25.56 18.37
C ASN C 613 -10.48 -26.02 17.15
N THR C 614 -11.12 -26.73 16.23
CA THR C 614 -10.43 -27.20 15.01
C THR C 614 -11.37 -27.16 13.79
N SER C 615 -12.44 -26.39 13.89
CA SER C 615 -13.40 -26.28 12.79
C SER C 615 -13.04 -25.25 11.73
N VAL C 616 -11.84 -24.70 11.79
CA VAL C 616 -11.45 -23.72 10.78
C VAL C 616 -10.23 -24.22 10.02
N SER C 617 -9.56 -25.21 10.61
CA SER C 617 -8.39 -25.81 9.98
C SER C 617 -8.72 -26.22 8.56
N GLY C 618 -7.86 -25.85 7.62
CA GLY C 618 -8.13 -26.18 6.23
C GLY C 618 -8.76 -25.02 5.48
N LEU C 619 -9.38 -24.11 6.22
CA LEU C 619 -10.05 -22.96 5.62
C LEU C 619 -9.04 -21.97 5.05
N THR C 620 -7.99 -21.68 5.81
CA THR C 620 -6.99 -20.73 5.34
C THR C 620 -6.44 -21.13 3.97
N GLU C 621 -5.97 -22.37 3.86
CA GLU C 621 -5.43 -22.87 2.61
C GLU C 621 -6.46 -22.86 1.48
N ARG C 622 -7.71 -23.10 1.83
CA ARG C 622 -8.79 -23.08 0.85
C ARG C 622 -8.92 -21.67 0.26
N ILE C 623 -8.96 -20.67 1.15
CA ILE C 623 -9.07 -19.25 0.77
C ILE C 623 -7.86 -18.84 -0.11
N LYS C 624 -6.67 -19.19 0.33
CA LYS C 624 -5.49 -18.91 -0.44
C LYS C 624 -5.68 -19.35 -1.91
N HIS C 625 -6.10 -20.60 -2.11
CA HIS C 625 -6.31 -21.16 -3.46
C HIS C 625 -7.70 -21.08 -4.08
N GLY C 626 -8.71 -20.78 -3.27
CA GLY C 626 -10.06 -20.67 -3.79
C GLY C 626 -10.62 -21.97 -4.34
N VAL C 627 -10.39 -23.05 -3.60
CA VAL C 627 -10.81 -24.38 -4.00
C VAL C 627 -11.54 -25.10 -2.88
N LYS C 628 -12.19 -26.21 -3.22
CA LYS C 628 -12.87 -27.03 -2.23
C LYS C 628 -11.71 -27.83 -1.63
N GLU C 629 -11.87 -28.37 -0.44
CA GLU C 629 -10.79 -29.12 0.21
C GLU C 629 -10.08 -30.21 -0.62
N GLU C 630 -10.85 -31.00 -1.36
CA GLU C 630 -10.28 -32.08 -2.15
C GLU C 630 -9.17 -31.69 -3.10
N LEU C 631 -9.17 -30.43 -3.54
CA LEU C 631 -8.13 -29.94 -4.44
C LEU C 631 -6.85 -29.48 -3.72
N LEU C 632 -6.86 -29.43 -2.40
CA LEU C 632 -5.71 -28.93 -1.68
C LEU C 632 -4.38 -29.54 -2.08
N GLU C 633 -4.33 -30.85 -2.27
CA GLU C 633 -3.07 -31.52 -2.65
C GLU C 633 -2.63 -31.13 -4.04
N LEU C 634 -3.58 -30.86 -4.91
CA LEU C 634 -3.23 -30.48 -6.25
C LEU C 634 -2.76 -29.02 -6.35
N VAL C 635 -3.42 -28.10 -5.64
CA VAL C 635 -3.06 -26.69 -5.69
C VAL C 635 -1.76 -26.34 -4.98
N ARG C 636 -1.31 -27.23 -4.10
CA ARG C 636 -0.02 -27.03 -3.42
C ARG C 636 1.10 -27.17 -4.45
N ILE C 637 0.81 -27.91 -5.51
CA ILE C 637 1.75 -28.12 -6.58
C ILE C 637 1.84 -26.80 -7.34
N ARG C 638 3.06 -26.36 -7.63
CA ARG C 638 3.27 -25.12 -8.37
C ARG C 638 2.62 -25.22 -9.74
N HIS C 639 2.14 -24.10 -10.26
CA HIS C 639 1.48 -24.03 -11.56
C HIS C 639 0.07 -24.64 -11.59
N ILE C 640 -0.32 -25.26 -10.48
CA ILE C 640 -1.66 -25.85 -10.38
C ILE C 640 -2.59 -24.99 -9.54
N GLY C 641 -3.51 -24.29 -10.21
CA GLY C 641 -4.44 -23.43 -9.51
C GLY C 641 -5.81 -24.05 -9.30
N ARG C 642 -6.85 -23.21 -9.23
CA ARG C 642 -8.17 -23.75 -9.02
C ARG C 642 -8.78 -24.35 -10.29
N VAL C 643 -8.48 -23.79 -11.45
CA VAL C 643 -9.03 -24.32 -12.69
C VAL C 643 -8.34 -25.60 -13.17
N ARG C 644 -7.03 -25.57 -13.26
CA ARG C 644 -6.27 -26.76 -13.67
C ARG C 644 -6.46 -27.89 -12.65
N ALA C 645 -6.62 -27.52 -11.38
CA ALA C 645 -6.82 -28.52 -10.32
C ALA C 645 -8.12 -29.27 -10.51
N ARG C 646 -9.20 -28.55 -10.83
CA ARG C 646 -10.50 -29.19 -11.03
C ARG C 646 -10.45 -30.05 -12.28
N LYS C 647 -9.91 -29.49 -13.35
CA LYS C 647 -9.77 -30.21 -14.61
C LYS C 647 -9.08 -31.58 -14.33
N LEU C 648 -7.99 -31.59 -13.55
CA LEU C 648 -7.31 -32.84 -13.25
C LEU C 648 -8.09 -33.76 -12.32
N TYR C 649 -8.44 -33.25 -11.16
CA TYR C 649 -9.16 -34.02 -10.14
C TYR C 649 -10.37 -34.75 -10.70
N ASN C 650 -11.11 -34.06 -11.56
CA ASN C 650 -12.29 -34.65 -12.15
C ASN C 650 -11.95 -35.74 -13.13
N ALA C 651 -10.67 -35.80 -13.51
CA ALA C 651 -10.19 -36.80 -14.44
C ALA C 651 -9.37 -37.85 -13.72
N GLY C 652 -9.58 -38.02 -12.43
CA GLY C 652 -8.83 -39.03 -11.73
C GLY C 652 -7.45 -38.62 -11.24
N ILE C 653 -6.81 -37.64 -11.87
CA ILE C 653 -5.51 -37.18 -11.38
C ILE C 653 -5.78 -36.30 -10.15
N ARG C 654 -5.26 -36.70 -8.99
CA ARG C 654 -5.52 -35.96 -7.77
C ARG C 654 -4.38 -35.75 -6.82
N ASN C 655 -3.16 -35.69 -7.34
CA ASN C 655 -1.99 -35.48 -6.51
C ASN C 655 -0.75 -35.56 -7.37
N ALA C 656 0.39 -35.16 -6.82
CA ALA C 656 1.64 -35.15 -7.55
C ALA C 656 1.96 -36.49 -8.19
N GLU C 657 1.75 -37.58 -7.45
CA GLU C 657 2.03 -38.92 -7.98
C GLU C 657 1.23 -39.21 -9.26
N ASP C 658 -0.09 -39.07 -9.17
CA ASP C 658 -0.97 -39.30 -10.30
C ASP C 658 -0.56 -38.40 -11.48
N ILE C 659 -0.06 -37.21 -11.18
CA ILE C 659 0.36 -36.29 -12.23
C ILE C 659 1.59 -36.81 -12.97
N VAL C 660 2.51 -37.40 -12.23
CA VAL C 660 3.74 -37.93 -12.83
C VAL C 660 3.49 -39.19 -13.64
N ARG C 661 2.86 -40.18 -13.01
CA ARG C 661 2.56 -41.46 -13.65
C ARG C 661 1.64 -41.38 -14.85
N HIS C 662 1.05 -40.22 -15.11
CA HIS C 662 0.15 -40.07 -16.24
C HIS C 662 0.44 -38.77 -16.98
N ARG C 663 1.72 -38.41 -17.05
CA ARG C 663 2.12 -37.17 -17.71
C ARG C 663 1.46 -36.96 -19.06
N GLU C 664 1.25 -38.05 -19.79
CA GLU C 664 0.63 -37.94 -21.09
C GLU C 664 -0.85 -37.54 -21.05
N LYS C 665 -1.57 -38.01 -20.04
CA LYS C 665 -2.97 -37.65 -19.87
C LYS C 665 -3.04 -36.17 -19.46
N VAL C 666 -2.21 -35.83 -18.48
CA VAL C 666 -2.10 -34.47 -17.96
C VAL C 666 -1.98 -33.43 -19.07
N ALA C 667 -0.97 -33.60 -19.91
CA ALA C 667 -0.73 -32.68 -21.01
C ALA C 667 -1.97 -32.49 -21.87
N SER C 668 -2.79 -33.50 -21.99
CA SER C 668 -3.99 -33.37 -22.80
C SER C 668 -5.00 -32.49 -22.08
N LEU C 669 -5.10 -32.73 -20.76
CA LEU C 669 -6.02 -32.02 -19.90
C LEU C 669 -5.66 -30.56 -19.61
N ILE C 670 -4.40 -30.29 -19.25
CA ILE C 670 -4.04 -28.90 -18.92
C ILE C 670 -3.12 -28.15 -19.89
N GLY C 671 -2.56 -28.86 -20.85
CA GLY C 671 -1.67 -28.22 -21.82
C GLY C 671 -0.29 -28.85 -21.85
N ARG C 672 0.28 -28.97 -23.05
CA ARG C 672 1.60 -29.56 -23.22
C ARG C 672 2.60 -28.71 -22.46
N GLY C 673 2.61 -27.43 -22.80
CA GLY C 673 3.51 -26.50 -22.16
C GLY C 673 3.45 -26.67 -20.67
N ILE C 674 2.38 -26.11 -20.07
CA ILE C 674 2.13 -26.19 -18.63
C ILE C 674 2.51 -27.56 -18.06
N ALA C 675 1.84 -28.60 -18.54
CA ALA C 675 2.11 -29.97 -18.07
C ALA C 675 3.59 -30.24 -17.80
N GLU C 676 4.45 -29.83 -18.73
CA GLU C 676 5.89 -30.03 -18.58
C GLU C 676 6.40 -29.28 -17.36
N ARG C 677 6.17 -27.96 -17.40
CA ARG C 677 6.56 -27.04 -16.34
C ARG C 677 6.12 -27.62 -14.99
N VAL C 678 4.86 -28.02 -14.91
CA VAL C 678 4.28 -28.60 -13.69
C VAL C 678 5.11 -29.80 -13.26
N VAL C 679 5.24 -30.79 -14.15
CA VAL C 679 6.00 -31.99 -13.82
C VAL C 679 7.41 -31.59 -13.45
N GLU C 680 7.97 -30.64 -14.20
CA GLU C 680 9.32 -30.16 -13.93
C GLU C 680 9.44 -29.74 -12.47
N GLY C 681 8.40 -29.07 -11.99
CA GLY C 681 8.38 -28.62 -10.61
C GLY C 681 8.25 -29.77 -9.63
N ILE C 682 7.39 -30.74 -9.92
CA ILE C 682 7.19 -31.89 -9.04
C ILE C 682 8.53 -32.49 -8.68
N SER C 683 9.28 -32.84 -9.72
CA SER C 683 10.60 -33.46 -9.63
C SER C 683 11.60 -32.76 -8.71
N VAL C 684 11.53 -31.44 -8.66
CA VAL C 684 12.45 -30.64 -7.83
C VAL C 684 12.22 -30.85 -6.32
N LYS C 685 11.04 -30.45 -5.84
CA LYS C 685 10.70 -30.61 -4.44
C LYS C 685 10.65 -32.10 -4.05
N SER C 686 10.64 -32.96 -5.07
CA SER C 686 10.58 -34.41 -4.86
C SER C 686 11.97 -35.02 -4.65
#